data_5CY4
#
_entry.id   5CY4
#
_cell.length_a   92.710
_cell.length_b   102.880
_cell.length_c   184.870
_cell.angle_alpha   90.00
_cell.angle_beta   90.00
_cell.angle_gamma   90.00
#
_symmetry.space_group_name_H-M   'P 21 21 21'
#
loop_
_entity.id
_entity.type
_entity.pdbx_description
1 polymer Oligoribonuclease
2 non-polymer 'CALCIUM ION'
3 non-polymer 1,2-ETHANEDIOL
4 water water
#
_entity_poly.entity_id   1
_entity_poly.type   'polypeptide(L)'
_entity_poly.pdbx_seq_one_letter_code
;MAHHHHHHMSSTLNTRLIWIDLEMTGLDTDNDQIIEIATIITDDHLNVLAEGPVLAIHQPDRILNAMDEWNTRQHGQSGL
IERVRRSKLTARDAELQTLEFLKKWVNPKVSPMCGNSICQDRRFLHRLMPELEQYFHYRNLDVSTVKELSKRWRPEIMSG
LKKNASHLAMDDIRDSISELKYYREYFFIMNTDGKD
;
_entity_poly.pdbx_strand_id   A,B,C,D,E,F
#
loop_
_chem_comp.id
_chem_comp.type
_chem_comp.name
_chem_comp.formula
CA non-polymer 'CALCIUM ION' 'Ca 2'
EDO non-polymer 1,2-ETHANEDIOL 'C2 H6 O2'
#
# COMPACT_ATOMS: atom_id res chain seq x y z
N HIS A 8 -38.61 4.72 -9.63
CA HIS A 8 -37.39 3.90 -9.64
C HIS A 8 -37.73 2.41 -9.60
N MET A 9 -36.85 1.60 -10.17
CA MET A 9 -37.04 0.15 -10.19
C MET A 9 -36.68 -0.45 -8.84
N SER A 10 -37.11 -1.69 -8.61
CA SER A 10 -36.80 -2.38 -7.36
C SER A 10 -35.33 -2.84 -7.38
N SER A 11 -34.73 -2.97 -6.21
CA SER A 11 -33.31 -3.28 -6.14
C SER A 11 -33.06 -4.77 -6.40
N THR A 12 -31.90 -5.06 -7.00
CA THR A 12 -31.45 -6.42 -7.26
C THR A 12 -30.04 -6.62 -6.71
N LEU A 13 -29.50 -7.80 -6.93
CA LEU A 13 -28.13 -8.14 -6.53
C LEU A 13 -27.08 -7.25 -7.23
N ASN A 14 -27.49 -6.58 -8.31
CA ASN A 14 -26.58 -5.76 -9.10
C ASN A 14 -26.80 -4.26 -8.88
N THR A 15 -27.83 -3.90 -8.11
CA THR A 15 -28.15 -2.49 -7.87
C THR A 15 -28.25 -2.16 -6.39
N ARG A 16 -27.33 -2.70 -5.59
CA ARG A 16 -27.32 -2.43 -4.17
C ARG A 16 -25.96 -1.91 -3.70
N LEU A 17 -25.93 -1.37 -2.49
CA LEU A 17 -24.72 -0.77 -1.95
C LEU A 17 -24.29 -1.45 -0.67
N ILE A 18 -22.99 -1.74 -0.55
CA ILE A 18 -22.42 -2.31 0.66
C ILE A 18 -21.76 -1.21 1.48
N TRP A 19 -22.32 -0.97 2.66
CA TRP A 19 -21.74 -0.02 3.60
C TRP A 19 -20.92 -0.79 4.62
N ILE A 20 -19.72 -0.29 4.92
CA ILE A 20 -18.83 -1.00 5.83
C ILE A 20 -18.10 -0.02 6.74
N ASP A 21 -17.84 -0.44 7.97
CA ASP A 21 -16.93 0.29 8.84
C ASP A 21 -16.08 -0.66 9.68
N LEU A 22 -14.82 -0.26 9.92
CA LEU A 22 -13.93 -1.01 10.79
C LEU A 22 -13.52 -0.15 11.98
N GLU A 23 -13.31 -0.80 13.13
CA GLU A 23 -12.60 -0.17 14.23
C GLU A 23 -11.22 -0.84 14.34
N MET A 24 -10.18 -0.03 14.54
CA MET A 24 -8.81 -0.51 14.58
C MET A 24 -8.12 -0.16 15.89
N THR A 25 -6.98 -0.81 16.13
CA THR A 25 -6.17 -0.54 17.31
C THR A 25 -5.41 0.78 17.19
N GLY A 26 -5.46 1.38 16.01
CA GLY A 26 -4.77 2.64 15.75
C GLY A 26 -4.85 3.05 14.29
N LEU A 27 -4.15 4.13 13.93
CA LEU A 27 -4.26 4.76 12.61
C LEU A 27 -3.23 4.29 11.59
N ASP A 28 -2.27 3.49 12.05
CA ASP A 28 -1.18 3.01 11.20
C ASP A 28 -1.68 1.86 10.30
N THR A 29 -1.91 2.18 9.03
CA THR A 29 -2.44 1.20 8.08
C THR A 29 -1.45 0.07 7.76
N ASP A 30 -0.18 0.25 8.12
CA ASP A 30 0.80 -0.80 7.90
C ASP A 30 0.94 -1.77 9.09
N ASN A 31 0.64 -1.30 10.30
CA ASN A 31 0.98 -2.07 11.50
C ASN A 31 -0.17 -2.40 12.43
N ASP A 32 -1.25 -1.62 12.39
CA ASP A 32 -2.35 -1.82 13.34
C ASP A 32 -3.33 -2.91 12.90
N GLN A 33 -4.18 -3.34 13.83
CA GLN A 33 -5.07 -4.47 13.61
C GLN A 33 -6.53 -4.04 13.59
N ILE A 34 -7.39 -4.86 12.99
CA ILE A 34 -8.83 -4.66 13.06
C ILE A 34 -9.36 -5.32 14.33
N ILE A 35 -10.22 -4.61 15.07
CA ILE A 35 -10.82 -5.19 16.27
C ILE A 35 -12.34 -5.25 16.17
N GLU A 36 -12.93 -4.56 15.19
CA GLU A 36 -14.38 -4.61 14.98
C GLU A 36 -14.74 -4.34 13.51
N ILE A 37 -15.77 -5.06 13.03
CA ILE A 37 -16.28 -4.87 11.68
C ILE A 37 -17.81 -4.94 11.71
N ALA A 38 -18.45 -4.10 10.89
CA ALA A 38 -19.89 -4.16 10.69
C ALA A 38 -20.21 -3.81 9.24
N THR A 39 -21.36 -4.26 8.76
CA THR A 39 -21.83 -3.94 7.41
C THR A 39 -23.32 -3.64 7.40
N ILE A 40 -23.76 -2.86 6.41
CA ILE A 40 -25.18 -2.62 6.15
C ILE A 40 -25.43 -2.62 4.63
N ILE A 41 -26.56 -3.17 4.22
CA ILE A 41 -26.96 -3.18 2.81
C ILE A 41 -28.05 -2.13 2.57
N THR A 42 -27.83 -1.24 1.61
CA THR A 42 -28.88 -0.33 1.15
C THR A 42 -29.12 -0.52 -0.34
N ASP A 43 -30.26 -0.07 -0.84
CA ASP A 43 -30.44 0.05 -2.29
C ASP A 43 -29.75 1.33 -2.75
N ASP A 44 -29.82 1.62 -4.04
CA ASP A 44 -29.19 2.81 -4.61
C ASP A 44 -29.82 4.12 -4.10
N HIS A 45 -30.92 4.01 -3.37
CA HIS A 45 -31.61 5.19 -2.85
C HIS A 45 -31.65 5.19 -1.32
N LEU A 46 -30.69 4.48 -0.73
CA LEU A 46 -30.38 4.54 0.70
C LEU A 46 -31.47 3.93 1.58
N ASN A 47 -32.37 3.15 1.00
CA ASN A 47 -33.28 2.34 1.80
C ASN A 47 -32.49 1.19 2.39
N VAL A 48 -32.47 1.10 3.73
CA VAL A 48 -31.74 0.05 4.42
C VAL A 48 -32.47 -1.28 4.28
N LEU A 49 -31.81 -2.26 3.66
CA LEU A 49 -32.44 -3.56 3.38
C LEU A 49 -32.11 -4.60 4.45
N ALA A 50 -30.89 -4.52 5.00
CA ALA A 50 -30.45 -5.48 6.00
C ALA A 50 -29.19 -5.00 6.69
N GLU A 51 -29.12 -5.21 8.00
CA GLU A 51 -27.92 -4.92 8.74
C GLU A 51 -27.13 -6.22 8.92
N GLY A 52 -25.82 -6.15 8.68
CA GLY A 52 -24.97 -7.33 8.77
C GLY A 52 -24.47 -7.64 10.17
N PRO A 53 -23.62 -8.68 10.29
CA PRO A 53 -23.10 -9.11 11.59
C PRO A 53 -22.09 -8.12 12.18
N VAL A 54 -22.22 -7.86 13.48
CA VAL A 54 -21.24 -7.07 14.21
C VAL A 54 -20.25 -7.99 14.90
N LEU A 55 -19.01 -7.97 14.46
CA LEU A 55 -18.03 -8.93 14.95
C LEU A 55 -16.82 -8.24 15.58
N ALA A 56 -16.46 -8.69 16.78
CA ALA A 56 -15.22 -8.25 17.41
C ALA A 56 -14.13 -9.28 17.16
N ILE A 57 -12.95 -8.81 16.76
CA ILE A 57 -11.82 -9.68 16.45
C ILE A 57 -10.86 -9.72 17.63
N HIS A 58 -10.50 -10.92 18.08
CA HIS A 58 -9.61 -11.07 19.22
C HIS A 58 -8.20 -10.55 18.95
N GLN A 59 -7.61 -9.94 19.97
CA GLN A 59 -6.22 -9.49 19.95
C GLN A 59 -5.59 -9.78 21.30
N PRO A 60 -4.31 -10.22 21.30
CA PRO A 60 -3.60 -10.47 22.56
C PRO A 60 -3.41 -9.20 23.38
N ASP A 61 -3.14 -9.34 24.67
CA ASP A 61 -3.05 -8.20 25.58
C ASP A 61 -1.92 -7.24 25.20
N ARG A 62 -0.81 -7.78 24.70
CA ARG A 62 0.33 -6.97 24.28
C ARG A 62 -0.10 -5.93 23.24
N ILE A 63 -0.93 -6.34 22.29
CA ILE A 63 -1.40 -5.44 21.26
C ILE A 63 -2.37 -4.41 21.84
N LEU A 64 -3.26 -4.86 22.72
CA LEU A 64 -4.22 -3.94 23.34
C LEU A 64 -3.51 -2.93 24.24
N ASN A 65 -2.47 -3.38 24.92
CA ASN A 65 -1.69 -2.52 25.82
C ASN A 65 -0.92 -1.44 25.07
N ALA A 66 -0.55 -1.74 23.83
CA ALA A 66 0.26 -0.83 23.02
C ALA A 66 -0.55 0.31 22.39
N MET A 67 -1.88 0.23 22.48
CA MET A 67 -2.73 1.26 21.90
C MET A 67 -2.46 2.62 22.55
N ASP A 68 -2.56 3.70 21.79
CA ASP A 68 -2.32 5.02 22.33
C ASP A 68 -3.51 5.47 23.19
N GLU A 69 -3.41 6.68 23.74
CA GLU A 69 -4.37 7.14 24.73
C GLU A 69 -5.78 7.29 24.16
N TRP A 70 -5.90 7.87 22.96
CA TRP A 70 -7.24 8.10 22.40
C TRP A 70 -7.98 6.77 22.22
N ASN A 71 -7.31 5.78 21.65
CA ASN A 71 -7.90 4.48 21.38
C ASN A 71 -8.26 3.74 22.66
N THR A 72 -7.37 3.81 23.64
CA THR A 72 -7.61 3.19 24.94
C THR A 72 -8.85 3.80 25.59
N ARG A 73 -8.94 5.13 25.55
CA ARG A 73 -10.07 5.85 26.14
C ARG A 73 -11.40 5.50 25.47
N GLN A 74 -11.40 5.54 24.13
CA GLN A 74 -12.63 5.30 23.37
C GLN A 74 -13.11 3.85 23.49
N HIS A 75 -12.22 2.91 23.25
CA HIS A 75 -12.58 1.51 23.18
C HIS A 75 -12.79 0.89 24.57
N GLY A 76 -12.25 1.54 25.59
CA GLY A 76 -12.51 1.13 26.95
C GLY A 76 -13.93 1.51 27.31
N GLN A 77 -14.25 2.79 27.16
CA GLN A 77 -15.56 3.35 27.48
C GLN A 77 -16.71 2.67 26.71
N SER A 78 -16.46 2.29 25.45
CA SER A 78 -17.51 1.74 24.59
C SER A 78 -17.79 0.24 24.84
N GLY A 79 -16.91 -0.40 25.58
CA GLY A 79 -17.03 -1.83 25.83
C GLY A 79 -16.38 -2.71 24.78
N LEU A 80 -15.69 -2.12 23.80
CA LEU A 80 -15.12 -2.90 22.71
C LEU A 80 -13.91 -3.71 23.17
N ILE A 81 -13.08 -3.13 24.02
CA ILE A 81 -11.86 -3.81 24.47
C ILE A 81 -12.21 -5.12 25.17
N GLU A 82 -13.19 -5.09 26.07
CA GLU A 82 -13.60 -6.29 26.78
C GLU A 82 -14.20 -7.32 25.82
N ARG A 83 -14.96 -6.86 24.82
CA ARG A 83 -15.50 -7.76 23.79
C ARG A 83 -14.36 -8.41 23.01
N VAL A 84 -13.31 -7.65 22.75
CA VAL A 84 -12.15 -8.15 22.01
C VAL A 84 -11.43 -9.22 22.82
N ARG A 85 -11.27 -8.97 24.11
CA ARG A 85 -10.60 -9.94 24.99
C ARG A 85 -11.35 -11.26 25.03
N ARG A 86 -12.67 -11.20 25.19
CA ARG A 86 -13.50 -12.40 25.28
C ARG A 86 -13.68 -13.11 23.94
N SER A 87 -13.51 -12.38 22.83
CA SER A 87 -13.78 -12.93 21.50
C SER A 87 -12.84 -14.08 21.13
N LYS A 88 -13.36 -15.05 20.40
CA LYS A 88 -12.56 -16.16 19.91
C LYS A 88 -12.42 -16.10 18.39
N LEU A 89 -12.87 -15.00 17.80
CA LEU A 89 -12.84 -14.86 16.35
C LEU A 89 -11.50 -14.30 15.88
N THR A 90 -10.98 -14.90 14.82
CA THR A 90 -9.83 -14.37 14.12
C THR A 90 -10.32 -13.38 13.08
N ALA A 91 -9.39 -12.70 12.40
CA ALA A 91 -9.77 -11.82 11.32
C ALA A 91 -10.40 -12.64 10.18
N ARG A 92 -9.89 -13.85 9.98
CA ARG A 92 -10.41 -14.76 8.96
C ARG A 92 -11.85 -15.17 9.26
N ASP A 93 -12.13 -15.50 10.52
CA ASP A 93 -13.48 -15.85 10.94
C ASP A 93 -14.44 -14.71 10.61
N ALA A 94 -14.07 -13.49 11.01
CA ALA A 94 -14.93 -12.33 10.86
C ALA A 94 -15.12 -12.02 9.38
N GLU A 95 -14.06 -12.21 8.60
CA GLU A 95 -14.10 -12.03 7.15
C GLU A 95 -15.09 -12.99 6.51
N LEU A 96 -15.04 -14.26 6.90
CA LEU A 96 -15.91 -15.28 6.34
C LEU A 96 -17.38 -15.06 6.68
N GLN A 97 -17.66 -14.70 7.93
CA GLN A 97 -19.04 -14.45 8.34
C GLN A 97 -19.62 -13.26 7.58
N THR A 98 -18.80 -12.23 7.35
CA THR A 98 -19.24 -11.06 6.61
C THR A 98 -19.52 -11.42 5.15
N LEU A 99 -18.58 -12.13 4.51
CA LEU A 99 -18.75 -12.56 3.13
C LEU A 99 -20.04 -13.36 2.96
N GLU A 100 -20.31 -14.24 3.93
CA GLU A 100 -21.52 -15.06 3.91
C GLU A 100 -22.77 -14.19 3.92
N PHE A 101 -22.77 -13.14 4.73
CA PHE A 101 -23.89 -12.20 4.75
C PHE A 101 -24.02 -11.45 3.42
N LEU A 102 -22.90 -10.93 2.92
CA LEU A 102 -22.89 -10.12 1.70
C LEU A 102 -23.41 -10.86 0.46
N LYS A 103 -23.08 -12.14 0.35
CA LYS A 103 -23.41 -12.90 -0.86
C LYS A 103 -24.90 -13.11 -1.02
N LYS A 104 -25.65 -13.03 0.08
CA LYS A 104 -27.11 -13.15 0.01
C LYS A 104 -27.75 -11.88 -0.54
N TRP A 105 -27.03 -10.77 -0.48
CA TRP A 105 -27.62 -9.47 -0.79
C TRP A 105 -27.05 -8.79 -2.03
N VAL A 106 -25.76 -8.97 -2.29
CA VAL A 106 -25.07 -8.23 -3.36
C VAL A 106 -24.09 -9.12 -4.13
N ASN A 107 -24.12 -9.04 -5.46
CA ASN A 107 -23.16 -9.77 -6.28
C ASN A 107 -21.74 -9.22 -6.11
N PRO A 108 -20.71 -10.06 -6.35
CA PRO A 108 -19.32 -9.61 -6.23
C PRO A 108 -18.93 -8.48 -7.19
N LYS A 109 -18.15 -7.53 -6.68
CA LYS A 109 -17.56 -6.44 -7.45
C LYS A 109 -18.60 -5.51 -8.07
N VAL A 110 -19.78 -5.45 -7.47
CA VAL A 110 -20.86 -4.61 -7.94
C VAL A 110 -20.87 -3.27 -7.22
N SER A 111 -20.74 -3.34 -5.90
CA SER A 111 -20.88 -2.15 -5.07
C SER A 111 -19.53 -1.49 -4.79
N PRO A 112 -19.49 -0.16 -4.91
CA PRO A 112 -18.35 0.59 -4.37
C PRO A 112 -18.30 0.43 -2.86
N MET A 113 -17.16 0.72 -2.25
CA MET A 113 -17.07 0.62 -0.80
C MET A 113 -17.63 1.90 -0.19
N CYS A 114 -18.71 1.78 0.58
CA CYS A 114 -19.45 2.94 1.08
C CYS A 114 -19.27 3.20 2.57
N GLY A 115 -19.12 4.47 2.93
CA GLY A 115 -19.04 4.86 4.32
C GLY A 115 -18.31 6.19 4.51
N ASN A 116 -17.71 6.36 5.69
CA ASN A 116 -16.89 7.52 5.97
C ASN A 116 -15.41 7.10 6.06
N SER A 117 -14.52 7.98 5.61
CA SER A 117 -13.09 7.70 5.56
C SER A 117 -12.80 6.31 5.01
N ILE A 118 -13.31 6.05 3.81
CA ILE A 118 -13.34 4.70 3.26
C ILE A 118 -11.95 4.21 2.85
N CYS A 119 -11.10 5.11 2.38
CA CYS A 119 -9.74 4.75 1.97
C CYS A 119 -9.00 4.06 3.10
N GLN A 120 -9.13 4.59 4.30
CA GLN A 120 -8.57 3.99 5.51
C GLN A 120 -9.05 2.54 5.70
N ASP A 121 -10.36 2.34 5.61
CA ASP A 121 -10.95 1.00 5.78
C ASP A 121 -10.44 0.04 4.72
N ARG A 122 -10.44 0.49 3.47
CA ARG A 122 -10.00 -0.35 2.36
C ARG A 122 -8.56 -0.80 2.56
N ARG A 123 -7.71 0.11 3.05
CA ARG A 123 -6.30 -0.21 3.23
C ARG A 123 -6.08 -1.30 4.29
N PHE A 124 -6.80 -1.21 5.40
CA PHE A 124 -6.75 -2.26 6.42
C PHE A 124 -7.30 -3.58 5.87
N LEU A 125 -8.39 -3.49 5.14
CA LEU A 125 -9.01 -4.67 4.54
C LEU A 125 -8.05 -5.32 3.55
N HIS A 126 -7.35 -4.52 2.75
CA HIS A 126 -6.41 -5.07 1.78
C HIS A 126 -5.36 -5.93 2.47
N ARG A 127 -4.89 -5.49 3.63
CA ARG A 127 -3.81 -6.19 4.31
C ARG A 127 -4.32 -7.38 5.15
N LEU A 128 -5.47 -7.23 5.78
CA LEU A 128 -5.93 -8.19 6.78
C LEU A 128 -7.13 -9.02 6.34
N MET A 129 -7.94 -8.50 5.42
CA MET A 129 -9.06 -9.26 4.88
C MET A 129 -9.18 -9.09 3.35
N PRO A 130 -8.14 -9.50 2.61
CA PRO A 130 -8.11 -9.22 1.16
C PRO A 130 -9.25 -9.84 0.34
N GLU A 131 -9.75 -11.01 0.75
CA GLU A 131 -10.87 -11.62 0.03
C GLU A 131 -12.14 -10.77 0.13
N LEU A 132 -12.37 -10.19 1.31
CA LEU A 132 -13.49 -9.28 1.50
C LEU A 132 -13.26 -7.98 0.73
N GLU A 133 -12.02 -7.48 0.76
CA GLU A 133 -11.66 -6.27 0.02
C GLU A 133 -11.96 -6.45 -1.47
N GLN A 134 -11.71 -7.65 -1.97
CA GLN A 134 -11.88 -7.93 -3.40
C GLN A 134 -13.34 -8.13 -3.78
N TYR A 135 -14.22 -8.27 -2.78
CA TYR A 135 -15.64 -8.43 -3.05
C TYR A 135 -16.28 -7.13 -3.51
N PHE A 136 -15.69 -6.01 -3.08
CA PHE A 136 -16.12 -4.69 -3.52
C PHE A 136 -15.64 -4.38 -4.93
N HIS A 137 -16.39 -3.53 -5.63
CA HIS A 137 -15.87 -2.86 -6.81
C HIS A 137 -14.68 -2.01 -6.36
N TYR A 138 -13.77 -1.67 -7.27
CA TYR A 138 -12.56 -0.96 -6.83
C TYR A 138 -12.83 0.49 -6.43
N ARG A 139 -13.97 1.04 -6.82
CA ARG A 139 -14.31 2.43 -6.51
C ARG A 139 -14.82 2.61 -5.07
N ASN A 140 -14.75 3.84 -4.58
CA ASN A 140 -15.22 4.17 -3.24
C ASN A 140 -16.37 5.18 -3.30
N LEU A 141 -17.28 5.10 -2.33
CA LEU A 141 -18.27 6.14 -2.12
C LEU A 141 -18.07 6.64 -0.69
N ASP A 142 -17.27 7.69 -0.57
CA ASP A 142 -16.88 8.22 0.74
C ASP A 142 -17.69 9.46 1.06
N VAL A 143 -18.60 9.34 2.02
CA VAL A 143 -19.46 10.45 2.40
C VAL A 143 -18.62 11.66 2.87
N SER A 144 -17.40 11.41 3.35
CA SER A 144 -16.58 12.51 3.86
C SER A 144 -16.12 13.44 2.73
N THR A 145 -16.16 12.96 1.49
CA THR A 145 -15.89 13.83 0.34
C THR A 145 -16.99 14.89 0.21
N VAL A 146 -18.24 14.45 0.37
CA VAL A 146 -19.39 15.34 0.31
C VAL A 146 -19.33 16.33 1.46
N LYS A 147 -18.89 15.87 2.62
CA LYS A 147 -18.75 16.74 3.78
C LYS A 147 -17.72 17.85 3.53
N GLU A 148 -16.62 17.49 2.87
CA GLU A 148 -15.58 18.47 2.57
C GLU A 148 -16.13 19.56 1.65
N LEU A 149 -16.94 19.14 0.68
CA LEU A 149 -17.57 20.09 -0.23
C LEU A 149 -18.58 20.97 0.49
N SER A 150 -19.34 20.36 1.40
CA SER A 150 -20.41 21.05 2.10
C SER A 150 -19.84 22.09 3.06
N LYS A 151 -18.70 21.77 3.68
CA LYS A 151 -18.01 22.69 4.57
C LYS A 151 -17.63 23.98 3.85
N ARG A 152 -17.32 23.87 2.57
CA ARG A 152 -16.83 25.02 1.80
C ARG A 152 -17.91 25.74 1.01
N TRP A 153 -18.97 25.04 0.62
CA TRP A 153 -19.98 25.64 -0.24
C TRP A 153 -21.30 25.92 0.49
N ARG A 154 -21.62 25.11 1.49
CA ARG A 154 -22.84 25.30 2.28
C ARG A 154 -22.56 25.21 3.78
N PRO A 155 -21.72 26.10 4.31
CA PRO A 155 -21.32 26.03 5.72
C PRO A 155 -22.50 26.13 6.69
N GLU A 156 -23.57 26.78 6.28
CA GLU A 156 -24.71 27.02 7.17
C GLU A 156 -25.56 25.78 7.44
N ILE A 157 -25.32 24.69 6.72
CA ILE A 157 -26.13 23.48 6.94
C ILE A 157 -25.41 22.47 7.83
N MET A 158 -24.14 22.71 8.13
CA MET A 158 -23.33 21.74 8.86
C MET A 158 -23.80 21.53 10.30
N SER A 159 -24.43 22.54 10.88
CA SER A 159 -24.92 22.46 12.26
C SER A 159 -26.07 21.47 12.43
N GLY A 160 -26.74 21.14 11.33
CA GLY A 160 -27.87 20.23 11.36
C GLY A 160 -27.49 18.76 11.51
N LEU A 161 -26.20 18.47 11.39
CA LEU A 161 -25.73 17.10 11.54
C LEU A 161 -25.73 16.68 13.01
N LYS A 162 -26.39 15.57 13.29
CA LYS A 162 -26.51 15.09 14.67
C LYS A 162 -25.19 14.53 15.19
N ALA A 165 -22.48 10.25 19.22
CA ALA A 165 -23.25 9.39 20.12
C ALA A 165 -22.42 8.20 20.60
N SER A 166 -22.14 7.29 19.68
CA SER A 166 -21.32 6.11 20.00
C SER A 166 -20.13 6.01 19.07
N HIS A 167 -19.20 5.12 19.41
CA HIS A 167 -17.99 4.94 18.61
C HIS A 167 -17.89 3.51 18.08
N LEU A 168 -19.01 2.79 18.08
CA LEU A 168 -19.02 1.42 17.59
C LEU A 168 -19.25 1.38 16.08
N ALA A 169 -18.70 0.36 15.45
CA ALA A 169 -18.72 0.22 13.99
C ALA A 169 -20.12 0.33 13.38
N MET A 170 -21.10 -0.35 13.96
CA MET A 170 -22.45 -0.36 13.40
C MET A 170 -23.09 1.03 13.54
N ASP A 171 -22.85 1.70 14.65
CA ASP A 171 -23.35 3.07 14.86
C ASP A 171 -22.68 4.06 13.90
N ASP A 172 -21.41 3.82 13.61
CA ASP A 172 -20.67 4.64 12.65
C ASP A 172 -21.30 4.53 11.24
N ILE A 173 -21.62 3.31 10.82
CA ILE A 173 -22.26 3.12 9.51
C ILE A 173 -23.62 3.78 9.46
N ARG A 174 -24.42 3.59 10.52
CA ARG A 174 -25.74 4.20 10.59
C ARG A 174 -25.64 5.71 10.44
N ASP A 175 -24.65 6.30 11.12
CA ASP A 175 -24.42 7.74 11.08
C ASP A 175 -24.01 8.23 9.70
N SER A 176 -23.19 7.45 8.98
CA SER A 176 -22.75 7.87 7.66
C SER A 176 -23.94 7.81 6.69
N ILE A 177 -24.82 6.83 6.85
CA ILE A 177 -26.04 6.75 6.05
C ILE A 177 -26.97 7.92 6.37
N SER A 178 -27.14 8.23 7.66
CA SER A 178 -27.95 9.39 8.06
C SER A 178 -27.36 10.69 7.52
N GLU A 179 -26.03 10.77 7.52
CA GLU A 179 -25.35 11.96 7.05
C GLU A 179 -25.60 12.16 5.55
N LEU A 180 -25.46 11.09 4.76
CA LEU A 180 -25.69 11.19 3.33
C LEU A 180 -27.16 11.53 3.04
N LYS A 181 -28.08 10.97 3.82
CA LYS A 181 -29.49 11.31 3.64
C LYS A 181 -29.72 12.80 3.91
N TYR A 182 -28.97 13.36 4.86
CA TYR A 182 -29.06 14.78 5.18
C TYR A 182 -28.60 15.62 3.99
N TYR A 183 -27.48 15.24 3.37
CA TYR A 183 -26.98 15.92 2.18
C TYR A 183 -27.96 15.82 1.02
N ARG A 184 -28.59 14.65 0.87
CA ARG A 184 -29.53 14.44 -0.22
C ARG A 184 -30.67 15.44 -0.11
N GLU A 185 -31.07 15.72 1.12
CA GLU A 185 -32.18 16.64 1.35
C GLU A 185 -31.79 18.10 1.18
N TYR A 186 -30.55 18.45 1.53
CA TYR A 186 -30.16 19.86 1.57
C TYR A 186 -29.08 20.29 0.59
N PHE A 187 -28.29 19.33 0.09
CA PHE A 187 -27.12 19.67 -0.71
C PHE A 187 -27.23 19.25 -2.18
N PHE A 188 -28.08 18.26 -2.48
CA PHE A 188 -28.16 17.72 -3.84
C PHE A 188 -29.46 18.09 -4.56
N ILE A 189 -29.36 18.30 -5.88
CA ILE A 189 -30.51 18.55 -6.72
C ILE A 189 -31.04 17.21 -7.21
N MET A 190 -32.19 16.80 -6.68
CA MET A 190 -32.72 15.48 -6.96
C MET A 190 -33.74 15.48 -8.10
N ASN A 191 -34.29 16.65 -8.40
CA ASN A 191 -35.29 16.77 -9.47
C ASN A 191 -34.66 16.60 -10.84
N SER B 10 -11.15 36.16 -1.34
CA SER B 10 -9.77 35.94 -1.73
C SER B 10 -9.15 34.81 -0.90
N SER B 11 -8.40 33.93 -1.57
CA SER B 11 -7.89 32.73 -0.90
C SER B 11 -6.58 32.97 -0.15
N THR B 12 -6.29 32.10 0.81
CA THR B 12 -5.05 32.16 1.57
C THR B 12 -4.34 30.81 1.59
N LEU B 13 -3.19 30.77 2.25
CA LEU B 13 -2.42 29.53 2.42
C LEU B 13 -3.22 28.45 3.16
N ASN B 14 -4.32 28.85 3.80
CA ASN B 14 -5.14 27.92 4.57
C ASN B 14 -6.46 27.60 3.89
N THR B 15 -6.75 28.23 2.76
CA THR B 15 -8.03 28.03 2.10
C THR B 15 -7.87 27.60 0.64
N ARG B 16 -6.84 26.83 0.37
CA ARG B 16 -6.60 26.37 -0.99
C ARG B 16 -6.61 24.84 -1.08
N LEU B 17 -6.81 24.34 -2.29
CA LEU B 17 -6.89 22.90 -2.51
C LEU B 17 -5.74 22.42 -3.39
N ILE B 18 -5.11 21.32 -2.97
CA ILE B 18 -4.08 20.67 -3.76
C ILE B 18 -4.70 19.54 -4.57
N TRP B 19 -4.57 19.63 -5.89
CA TRP B 19 -5.06 18.57 -6.77
C TRP B 19 -3.87 17.79 -7.29
N ILE B 20 -4.00 16.47 -7.35
CA ILE B 20 -2.86 15.65 -7.73
C ILE B 20 -3.27 14.44 -8.57
N ASP B 21 -2.40 14.05 -9.49
CA ASP B 21 -2.56 12.80 -10.20
C ASP B 21 -1.20 12.14 -10.43
N LEU B 22 -1.21 10.81 -10.37
CA LEU B 22 -0.01 10.02 -10.62
C LEU B 22 -0.25 9.05 -11.78
N GLU B 23 0.82 8.69 -12.46
CA GLU B 23 0.79 7.53 -13.35
C GLU B 23 1.74 6.49 -12.79
N MET B 24 1.33 5.22 -12.82
CA MET B 24 2.10 4.14 -12.26
C MET B 24 2.40 3.07 -13.31
N THR B 25 3.29 2.13 -12.97
CA THR B 25 3.67 1.06 -13.89
C THR B 25 2.63 -0.06 -13.89
N GLY B 26 1.71 0.00 -12.93
CA GLY B 26 0.65 -0.99 -12.77
C GLY B 26 -0.24 -0.64 -11.58
N LEU B 27 -1.22 -1.50 -11.30
CA LEU B 27 -2.22 -1.22 -10.26
C LEU B 27 -1.87 -1.74 -8.87
N ASP B 28 -0.74 -2.42 -8.73
CA ASP B 28 -0.38 -3.02 -7.45
C ASP B 28 0.24 -1.97 -6.52
N THR B 29 -0.56 -1.50 -5.56
CA THR B 29 -0.13 -0.42 -4.64
C THR B 29 1.03 -0.87 -3.74
N ASP B 30 1.22 -2.18 -3.61
CA ASP B 30 2.33 -2.70 -2.81
C ASP B 30 3.66 -2.78 -3.56
N ASN B 31 3.63 -2.90 -4.89
CA ASN B 31 4.83 -3.26 -5.64
C ASN B 31 5.19 -2.37 -6.83
N ASP B 32 4.21 -1.74 -7.45
CA ASP B 32 4.46 -0.98 -8.69
C ASP B 32 5.03 0.40 -8.38
N GLN B 33 5.57 1.06 -9.40
CA GLN B 33 6.28 2.33 -9.21
C GLN B 33 5.50 3.52 -9.73
N ILE B 34 5.83 4.71 -9.23
CA ILE B 34 5.31 5.94 -9.81
C ILE B 34 6.21 6.34 -10.97
N ILE B 35 5.61 6.68 -12.12
CA ILE B 35 6.39 7.16 -13.26
C ILE B 35 6.06 8.60 -13.66
N GLU B 36 4.95 9.13 -13.15
CA GLU B 36 4.61 10.53 -13.44
C GLU B 36 3.79 11.15 -12.32
N ILE B 37 4.08 12.42 -12.05
CA ILE B 37 3.36 13.18 -11.03
C ILE B 37 3.00 14.56 -11.58
N ALA B 38 1.85 15.08 -11.18
CA ALA B 38 1.45 16.44 -11.54
C ALA B 38 0.54 16.99 -10.45
N THR B 39 0.59 18.30 -10.25
CA THR B 39 -0.27 18.95 -9.27
C THR B 39 -0.84 20.27 -9.79
N ILE B 40 -1.99 20.65 -9.24
CA ILE B 40 -2.61 21.94 -9.54
C ILE B 40 -3.13 22.54 -8.24
N ILE B 41 -2.98 23.86 -8.09
CA ILE B 41 -3.53 24.57 -6.94
C ILE B 41 -4.80 25.32 -7.35
N THR B 42 -5.90 25.13 -6.62
CA THR B 42 -7.10 25.94 -6.79
C THR B 42 -7.51 26.57 -5.45
N ASP B 43 -8.45 27.52 -5.49
CA ASP B 43 -9.06 28.00 -4.27
C ASP B 43 -10.24 27.09 -3.92
N ASP B 44 -10.95 27.39 -2.84
CA ASP B 44 -12.10 26.57 -2.43
C ASP B 44 -13.25 26.64 -3.42
N HIS B 45 -13.13 27.50 -4.43
CA HIS B 45 -14.16 27.64 -5.44
C HIS B 45 -13.68 27.20 -6.81
N LEU B 46 -12.61 26.39 -6.80
CA LEU B 46 -12.11 25.67 -7.97
C LEU B 46 -11.50 26.58 -9.05
N ASN B 47 -11.20 27.83 -8.70
CA ASN B 47 -10.42 28.68 -9.61
C ASN B 47 -8.96 28.25 -9.59
N VAL B 48 -8.41 27.92 -10.75
CA VAL B 48 -7.02 27.52 -10.85
C VAL B 48 -6.10 28.71 -10.55
N LEU B 49 -5.20 28.53 -9.59
CA LEU B 49 -4.27 29.58 -9.19
C LEU B 49 -2.89 29.34 -9.79
N ALA B 50 -2.48 28.08 -9.86
CA ALA B 50 -1.16 27.73 -10.36
C ALA B 50 -1.08 26.25 -10.71
N GLU B 51 -0.30 25.94 -11.75
CA GLU B 51 -0.07 24.56 -12.13
C GLU B 51 1.34 24.15 -11.70
N GLY B 52 1.42 23.00 -11.04
CA GLY B 52 2.69 22.51 -10.54
C GLY B 52 3.50 21.80 -11.59
N PRO B 53 4.72 21.36 -11.23
CA PRO B 53 5.59 20.66 -12.17
C PRO B 53 5.03 19.30 -12.59
N VAL B 54 5.14 19.01 -13.87
CA VAL B 54 4.82 17.70 -14.42
C VAL B 54 6.13 16.94 -14.56
N LEU B 55 6.34 15.93 -13.72
CA LEU B 55 7.62 15.26 -13.66
C LEU B 55 7.51 13.77 -13.96
N ALA B 56 8.41 13.31 -14.82
CA ALA B 56 8.54 11.89 -15.13
C ALA B 56 9.65 11.30 -14.27
N ILE B 57 9.34 10.22 -13.56
CA ILE B 57 10.32 9.56 -12.70
C ILE B 57 11.03 8.44 -13.48
N HIS B 58 12.35 8.48 -13.50
CA HIS B 58 13.13 7.46 -14.19
C HIS B 58 12.94 6.06 -13.63
N GLN B 59 12.85 5.08 -14.53
CA GLN B 59 12.80 3.68 -14.17
C GLN B 59 13.73 2.91 -15.10
N PRO B 60 14.40 1.87 -14.57
CA PRO B 60 15.25 1.04 -15.43
C PRO B 60 14.42 0.23 -16.42
N ASP B 61 15.04 -0.23 -17.50
CA ASP B 61 14.34 -0.93 -18.57
C ASP B 61 13.69 -2.24 -18.11
N ARG B 62 14.28 -2.88 -17.11
CA ARG B 62 13.73 -4.12 -16.60
C ARG B 62 12.34 -3.91 -16.00
N ILE B 63 12.09 -2.72 -15.45
CA ILE B 63 10.79 -2.42 -14.86
C ILE B 63 9.80 -2.06 -15.96
N LEU B 64 10.24 -1.29 -16.95
CA LEU B 64 9.36 -0.89 -18.05
C LEU B 64 8.96 -2.07 -18.93
N ASN B 65 9.88 -3.00 -19.17
CA ASN B 65 9.60 -4.15 -20.02
C ASN B 65 8.76 -5.21 -19.32
N ALA B 66 8.58 -5.06 -18.01
CA ALA B 66 7.82 -6.04 -17.24
C ALA B 66 6.41 -5.54 -16.93
N MET B 67 6.01 -4.45 -17.57
CA MET B 67 4.63 -3.95 -17.42
C MET B 67 3.68 -4.84 -18.22
N ASP B 68 2.43 -4.92 -17.81
CA ASP B 68 1.45 -5.70 -18.55
C ASP B 68 1.11 -4.98 -19.86
N GLU B 69 0.31 -5.63 -20.71
CA GLU B 69 0.06 -5.08 -22.04
C GLU B 69 -0.70 -3.76 -21.99
N TRP B 70 -1.67 -3.63 -21.08
CA TRP B 70 -2.47 -2.41 -20.99
C TRP B 70 -1.60 -1.20 -20.67
N ASN B 71 -0.72 -1.33 -19.68
CA ASN B 71 0.16 -0.24 -19.27
C ASN B 71 1.22 0.07 -20.32
N THR B 72 1.72 -0.97 -21.00
CA THR B 72 2.69 -0.76 -22.07
C THR B 72 2.05 0.05 -23.21
N ARG B 73 0.81 -0.27 -23.55
CA ARG B 73 0.09 0.45 -24.60
C ARG B 73 -0.19 1.90 -24.19
N GLN B 74 -0.72 2.07 -22.99
CA GLN B 74 -1.09 3.39 -22.48
C GLN B 74 0.10 4.34 -22.37
N HIS B 75 1.16 3.89 -21.72
CA HIS B 75 2.28 4.78 -21.43
C HIS B 75 3.21 4.95 -22.63
N GLY B 76 3.18 3.98 -23.54
CA GLY B 76 3.94 4.11 -24.77
C GLY B 76 3.33 5.12 -25.71
N GLN B 77 2.01 5.02 -25.91
CA GLN B 77 1.29 5.89 -26.82
C GLN B 77 1.31 7.35 -26.37
N SER B 78 1.31 7.58 -25.06
CA SER B 78 1.31 8.93 -24.51
C SER B 78 2.68 9.56 -24.56
N GLY B 79 3.70 8.77 -24.84
CA GLY B 79 5.08 9.24 -24.83
C GLY B 79 5.72 9.23 -23.45
N LEU B 80 4.97 8.76 -22.46
CA LEU B 80 5.47 8.72 -21.09
C LEU B 80 6.69 7.81 -20.94
N ILE B 81 6.65 6.64 -21.58
CA ILE B 81 7.73 5.66 -21.48
C ILE B 81 9.06 6.27 -21.93
N GLU B 82 9.04 7.02 -23.02
CA GLU B 82 10.27 7.62 -23.53
C GLU B 82 10.77 8.72 -22.61
N ARG B 83 9.85 9.48 -22.04
CA ARG B 83 10.20 10.53 -21.08
C ARG B 83 10.78 9.92 -19.80
N VAL B 84 10.28 8.76 -19.42
CA VAL B 84 10.77 8.06 -18.25
C VAL B 84 12.19 7.56 -18.51
N ARG B 85 12.42 7.01 -19.69
CA ARG B 85 13.74 6.55 -20.10
C ARG B 85 14.76 7.69 -20.05
N ARG B 86 14.36 8.86 -20.55
CA ARG B 86 15.26 10.00 -20.66
C ARG B 86 15.41 10.78 -19.35
N SER B 87 14.44 10.63 -18.44
CA SER B 87 14.46 11.35 -17.18
C SER B 87 15.63 10.94 -16.30
N LYS B 88 16.18 11.89 -15.56
CA LYS B 88 17.22 11.61 -14.58
C LYS B 88 16.69 11.77 -13.16
N LEU B 89 15.37 11.95 -13.04
CA LEU B 89 14.77 12.19 -11.74
C LEU B 89 14.41 10.89 -11.02
N THR B 90 14.85 10.79 -9.77
CA THR B 90 14.39 9.73 -8.88
C THR B 90 13.04 10.14 -8.30
N ALA B 91 12.35 9.20 -7.66
CA ALA B 91 11.10 9.51 -6.98
C ALA B 91 11.33 10.62 -5.96
N ARG B 92 12.45 10.54 -5.25
CA ARG B 92 12.81 11.54 -4.25
C ARG B 92 13.01 12.92 -4.87
N ASP B 93 13.63 12.98 -6.06
CA ASP B 93 13.79 14.24 -6.77
C ASP B 93 12.45 14.90 -7.09
N ALA B 94 11.50 14.08 -7.57
CA ALA B 94 10.20 14.60 -7.96
C ALA B 94 9.40 14.99 -6.73
N GLU B 95 9.57 14.22 -5.66
CA GLU B 95 8.93 14.52 -4.39
C GLU B 95 9.36 15.91 -3.89
N LEU B 96 10.67 16.15 -3.88
CA LEU B 96 11.22 17.41 -3.39
C LEU B 96 10.79 18.60 -4.25
N GLN B 97 10.79 18.44 -5.56
CA GLN B 97 10.36 19.53 -6.45
C GLN B 97 8.89 19.85 -6.25
N THR B 98 8.08 18.82 -6.09
CA THR B 98 6.65 19.00 -5.87
C THR B 98 6.39 19.73 -4.55
N LEU B 99 7.11 19.31 -3.50
CA LEU B 99 6.97 19.92 -2.18
C LEU B 99 7.37 21.39 -2.20
N GLU B 100 8.43 21.70 -2.93
CA GLU B 100 8.93 23.07 -3.05
C GLU B 100 7.86 23.98 -3.66
N PHE B 101 7.17 23.45 -4.67
CA PHE B 101 6.08 24.17 -5.30
C PHE B 101 4.89 24.34 -4.34
N LEU B 102 4.48 23.24 -3.70
CA LEU B 102 3.31 23.27 -2.82
C LEU B 102 3.47 24.24 -1.66
N LYS B 103 4.68 24.33 -1.11
CA LYS B 103 4.93 25.17 0.05
C LYS B 103 4.74 26.67 -0.25
N LYS B 104 4.81 27.04 -1.52
CA LYS B 104 4.61 28.44 -1.90
C LYS B 104 3.12 28.80 -1.98
N TRP B 105 2.26 27.79 -1.98
CA TRP B 105 0.83 28.03 -2.22
C TRP B 105 -0.08 27.56 -1.09
N VAL B 106 0.28 26.46 -0.43
CA VAL B 106 -0.59 25.87 0.59
C VAL B 106 0.23 25.48 1.82
N ASN B 107 -0.28 25.78 3.01
CA ASN B 107 0.34 25.34 4.25
C ASN B 107 0.19 23.82 4.42
N PRO B 108 1.10 23.19 5.19
CA PRO B 108 1.01 21.74 5.39
C PRO B 108 -0.25 21.29 6.14
N LYS B 109 -0.77 20.13 5.75
CA LYS B 109 -1.88 19.47 6.43
C LYS B 109 -3.16 20.30 6.40
N VAL B 110 -3.28 21.16 5.40
CA VAL B 110 -4.43 22.05 5.27
C VAL B 110 -5.41 21.53 4.22
N SER B 111 -4.89 21.02 3.11
CA SER B 111 -5.73 20.59 2.01
C SER B 111 -5.95 19.09 1.99
N PRO B 112 -7.19 18.66 1.78
CA PRO B 112 -7.39 17.24 1.47
C PRO B 112 -6.73 16.91 0.13
N MET B 113 -6.51 15.63 -0.12
CA MET B 113 -5.95 15.22 -1.40
C MET B 113 -7.07 15.20 -2.45
N CYS B 114 -7.00 16.07 -3.45
CA CYS B 114 -8.09 16.24 -4.40
C CYS B 114 -7.81 15.63 -5.78
N GLY B 115 -8.83 14.99 -6.35
CA GLY B 115 -8.74 14.45 -7.69
C GLY B 115 -9.71 13.32 -7.93
N ASN B 116 -9.39 12.45 -8.89
CA ASN B 116 -10.19 11.28 -9.19
C ASN B 116 -9.45 10.01 -8.74
N SER B 117 -10.19 9.08 -8.14
CA SER B 117 -9.62 7.85 -7.60
C SER B 117 -8.39 8.12 -6.73
N ILE B 118 -8.59 8.96 -5.72
CA ILE B 118 -7.51 9.51 -4.91
C ILE B 118 -6.91 8.49 -3.95
N CYS B 119 -7.73 7.56 -3.47
CA CYS B 119 -7.24 6.54 -2.53
C CYS B 119 -6.04 5.78 -3.12
N GLN B 120 -6.14 5.44 -4.41
CA GLN B 120 -5.04 4.77 -5.11
C GLN B 120 -3.78 5.61 -5.09
N ASP B 121 -3.91 6.89 -5.41
CA ASP B 121 -2.79 7.82 -5.39
C ASP B 121 -2.17 7.91 -4.00
N ARG B 122 -3.00 8.05 -2.98
CA ARG B 122 -2.49 8.21 -1.62
C ARG B 122 -1.69 6.98 -1.19
N ARG B 123 -2.16 5.79 -1.58
CA ARG B 123 -1.49 4.55 -1.21
C ARG B 123 -0.09 4.47 -1.85
N PHE B 124 0.03 4.86 -3.12
CA PHE B 124 1.33 4.88 -3.77
C PHE B 124 2.24 5.93 -3.14
N LEU B 125 1.68 7.10 -2.83
CA LEU B 125 2.46 8.18 -2.22
C LEU B 125 2.99 7.76 -0.86
N HIS B 126 2.15 7.10 -0.06
CA HIS B 126 2.56 6.66 1.27
C HIS B 126 3.79 5.77 1.21
N ARG B 127 3.84 4.88 0.22
CA ARG B 127 4.93 3.93 0.14
C ARG B 127 6.18 4.54 -0.49
N LEU B 128 6.00 5.42 -1.48
CA LEU B 128 7.13 5.88 -2.30
C LEU B 128 7.51 7.34 -2.09
N MET B 129 6.53 8.16 -1.68
CA MET B 129 6.78 9.57 -1.39
C MET B 129 6.10 9.99 -0.08
N PRO B 130 6.51 9.38 1.04
CA PRO B 130 5.77 9.60 2.31
C PRO B 130 5.75 11.06 2.80
N GLU B 131 6.83 11.79 2.61
CA GLU B 131 6.86 13.18 3.04
C GLU B 131 5.82 14.03 2.28
N LEU B 132 5.70 13.78 0.98
CA LEU B 132 4.66 14.44 0.20
C LEU B 132 3.26 14.03 0.68
N GLU B 133 3.09 12.73 0.92
CA GLU B 133 1.82 12.20 1.39
C GLU B 133 1.40 12.87 2.70
N GLN B 134 2.39 13.15 3.54
CA GLN B 134 2.14 13.74 4.85
C GLN B 134 1.91 15.25 4.76
N TYR B 135 2.14 15.85 3.60
CA TYR B 135 1.90 17.28 3.44
C TYR B 135 0.40 17.57 3.30
N PHE B 136 -0.34 16.58 2.82
CA PHE B 136 -1.78 16.66 2.71
C PHE B 136 -2.45 16.49 4.07
N HIS B 137 -3.65 17.04 4.20
CA HIS B 137 -4.54 16.65 5.29
C HIS B 137 -4.90 15.18 5.09
N TYR B 138 -5.31 14.49 6.16
CA TYR B 138 -5.61 13.07 6.04
C TYR B 138 -6.89 12.80 5.23
N ARG B 139 -7.71 13.83 5.04
CA ARG B 139 -8.94 13.70 4.27
C ARG B 139 -8.70 13.62 2.76
N ASN B 140 -9.61 12.93 2.07
CA ASN B 140 -9.62 12.91 0.61
C ASN B 140 -10.83 13.65 0.07
N LEU B 141 -10.64 14.30 -1.08
CA LEU B 141 -11.76 14.89 -1.81
C LEU B 141 -11.77 14.23 -3.18
N ASP B 142 -12.55 13.16 -3.29
CA ASP B 142 -12.53 12.34 -4.50
C ASP B 142 -13.77 12.58 -5.34
N VAL B 143 -13.58 13.20 -6.50
CA VAL B 143 -14.66 13.54 -7.40
C VAL B 143 -15.46 12.30 -7.82
N SER B 144 -14.80 11.14 -7.85
CA SER B 144 -15.48 9.91 -8.27
C SER B 144 -16.54 9.45 -7.26
N THR B 145 -16.48 9.94 -6.03
CA THR B 145 -17.56 9.70 -5.07
C THR B 145 -18.84 10.40 -5.56
N VAL B 146 -18.67 11.64 -6.02
CA VAL B 146 -19.80 12.40 -6.54
C VAL B 146 -20.36 11.72 -7.78
N LYS B 147 -19.48 11.22 -8.63
CA LYS B 147 -19.92 10.52 -9.84
C LYS B 147 -20.77 9.29 -9.51
N GLU B 148 -20.35 8.52 -8.50
CA GLU B 148 -21.13 7.35 -8.06
C GLU B 148 -22.54 7.76 -7.64
N LEU B 149 -22.65 8.90 -6.99
CA LEU B 149 -23.96 9.39 -6.55
C LEU B 149 -24.77 9.90 -7.74
N SER B 150 -24.08 10.59 -8.64
CA SER B 150 -24.73 11.19 -9.81
C SER B 150 -25.24 10.13 -10.78
N LYS B 151 -24.51 9.03 -10.94
CA LYS B 151 -24.93 7.93 -11.80
C LYS B 151 -26.25 7.34 -11.33
N ARG B 152 -26.43 7.35 -10.00
CA ARG B 152 -27.59 6.72 -9.40
C ARG B 152 -28.78 7.67 -9.25
N TRP B 153 -28.50 8.93 -8.93
CA TRP B 153 -29.58 9.87 -8.61
C TRP B 153 -29.90 10.83 -9.76
N ARG B 154 -28.91 11.10 -10.62
CA ARG B 154 -29.13 11.95 -11.79
C ARG B 154 -28.50 11.38 -13.07
N PRO B 155 -28.93 10.19 -13.50
CA PRO B 155 -28.33 9.53 -14.66
C PRO B 155 -28.39 10.35 -15.95
N GLU B 156 -29.36 11.24 -16.08
CA GLU B 156 -29.59 11.98 -17.33
C GLU B 156 -28.53 13.04 -17.60
N ILE B 157 -27.75 13.42 -16.59
CA ILE B 157 -26.78 14.50 -16.77
C ILE B 157 -25.40 13.93 -17.12
N MET B 158 -25.26 12.61 -17.08
CA MET B 158 -23.97 11.95 -17.27
C MET B 158 -23.46 12.04 -18.71
N SER B 159 -24.38 12.18 -19.66
CA SER B 159 -24.02 12.29 -21.06
C SER B 159 -23.29 13.61 -21.36
N GLY B 160 -23.43 14.57 -20.46
CA GLY B 160 -22.80 15.88 -20.61
C GLY B 160 -21.31 15.86 -20.34
N LEU B 161 -20.85 14.86 -19.61
CA LEU B 161 -19.43 14.69 -19.33
C LEU B 161 -18.68 14.24 -20.57
N HIS B 167 -5.14 9.43 -19.52
CA HIS B 167 -4.16 9.15 -18.47
C HIS B 167 -2.91 10.01 -18.61
N LEU B 168 -3.10 11.26 -19.05
CA LEU B 168 -2.02 12.23 -19.09
C LEU B 168 -2.13 13.10 -17.85
N ALA B 169 -1.14 12.97 -16.95
CA ALA B 169 -1.23 13.49 -15.58
C ALA B 169 -1.81 14.91 -15.44
N MET B 170 -1.28 15.87 -16.19
CA MET B 170 -1.73 17.26 -16.02
C MET B 170 -3.12 17.48 -16.62
N ASP B 171 -3.38 16.91 -17.79
CA ASP B 171 -4.70 17.02 -18.40
C ASP B 171 -5.75 16.25 -17.59
N ASP B 172 -5.30 15.22 -16.89
CA ASP B 172 -6.16 14.42 -16.03
C ASP B 172 -6.70 15.26 -14.87
N ILE B 173 -5.84 16.06 -14.26
CA ILE B 173 -6.24 16.94 -13.18
C ILE B 173 -7.25 17.99 -13.66
N ARG B 174 -6.98 18.57 -14.82
CA ARG B 174 -7.86 19.59 -15.38
C ARG B 174 -9.26 19.00 -15.62
N ASP B 175 -9.29 17.77 -16.14
CA ASP B 175 -10.55 17.08 -16.37
C ASP B 175 -11.32 16.84 -15.07
N SER B 176 -10.58 16.50 -14.01
CA SER B 176 -11.19 16.26 -12.71
C SER B 176 -11.80 17.53 -12.14
N ILE B 177 -11.04 18.62 -12.20
CA ILE B 177 -11.53 19.92 -11.75
C ILE B 177 -12.78 20.30 -12.56
N SER B 178 -12.70 20.13 -13.88
CA SER B 178 -13.82 20.45 -14.76
C SER B 178 -15.04 19.57 -14.49
N GLU B 179 -14.80 18.29 -14.15
CA GLU B 179 -15.89 17.39 -13.81
C GLU B 179 -16.63 17.85 -12.55
N LEU B 180 -15.88 18.32 -11.56
CA LEU B 180 -16.49 18.78 -10.32
C LEU B 180 -17.28 20.07 -10.53
N LYS B 181 -16.81 20.92 -11.44
CA LYS B 181 -17.54 22.16 -11.76
C LYS B 181 -18.86 21.82 -12.44
N TYR B 182 -18.88 20.74 -13.20
CA TYR B 182 -20.10 20.27 -13.85
C TYR B 182 -21.12 19.84 -12.80
N TYR B 183 -20.67 19.13 -11.78
CA TYR B 183 -21.55 18.70 -10.69
C TYR B 183 -22.04 19.91 -9.89
N ARG B 184 -21.15 20.86 -9.63
CA ARG B 184 -21.50 22.06 -8.90
C ARG B 184 -22.64 22.80 -9.61
N GLU B 185 -22.63 22.77 -10.94
CA GLU B 185 -23.64 23.48 -11.71
C GLU B 185 -24.97 22.73 -11.76
N TYR B 186 -24.93 21.41 -11.87
CA TYR B 186 -26.13 20.63 -12.17
C TYR B 186 -26.61 19.72 -11.05
N PHE B 187 -25.75 19.48 -10.06
CA PHE B 187 -26.03 18.46 -9.06
C PHE B 187 -26.09 19.00 -7.63
N PHE B 188 -25.40 20.11 -7.38
CA PHE B 188 -25.36 20.68 -6.03
C PHE B 188 -26.25 21.92 -5.89
N ILE B 189 -26.94 22.02 -4.75
CA ILE B 189 -27.65 23.24 -4.39
C ILE B 189 -26.65 24.21 -3.81
N MET B 190 -26.36 25.30 -4.54
CA MET B 190 -25.34 26.25 -4.12
C MET B 190 -25.91 27.50 -3.45
N ASN B 191 -27.17 27.47 -3.07
CA ASN B 191 -27.80 28.60 -2.39
C ASN B 191 -27.17 28.85 -1.02
N HIS C 8 11.46 -18.33 32.29
CA HIS C 8 10.91 -17.35 31.35
C HIS C 8 11.05 -17.82 29.90
N MET C 9 9.97 -17.67 29.13
CA MET C 9 10.01 -17.93 27.70
C MET C 9 10.97 -16.93 27.04
N SER C 10 11.82 -17.40 26.14
N SER C 10 11.76 -17.44 26.10
CA SER C 10 12.79 -16.48 25.59
CA SER C 10 12.76 -16.66 25.38
C SER C 10 12.22 -15.67 24.43
C SER C 10 12.11 -15.58 24.51
N SER C 11 12.87 -14.55 24.18
CA SER C 11 12.33 -13.41 23.44
C SER C 11 12.09 -13.63 21.95
N THR C 12 11.24 -12.77 21.41
CA THR C 12 10.97 -12.69 19.98
C THR C 12 11.15 -11.25 19.55
N LEU C 13 10.87 -10.97 18.28
CA LEU C 13 10.94 -9.61 17.74
C LEU C 13 9.89 -8.70 18.39
N ASN C 14 8.92 -9.27 19.09
CA ASN C 14 7.85 -8.51 19.71
C ASN C 14 7.98 -8.39 21.22
N THR C 15 9.04 -8.98 21.80
CA THR C 15 9.22 -8.96 23.25
C THR C 15 10.66 -8.63 23.66
N ARG C 16 11.19 -7.56 23.09
CA ARG C 16 12.54 -7.11 23.42
C ARG C 16 12.54 -5.62 23.71
N LEU C 17 13.65 -5.11 24.26
CA LEU C 17 13.74 -3.72 24.65
C LEU C 17 14.88 -3.02 23.91
N ILE C 18 14.63 -1.77 23.48
CA ILE C 18 15.68 -0.98 22.86
C ILE C 18 16.18 0.07 23.85
N TRP C 19 17.46 -0.03 24.18
CA TRP C 19 18.11 0.92 25.06
C TRP C 19 18.93 1.90 24.24
N ILE C 20 18.82 3.18 24.54
CA ILE C 20 19.52 4.19 23.74
C ILE C 20 20.01 5.33 24.63
N ASP C 21 21.17 5.87 24.27
CA ASP C 21 21.63 7.13 24.84
C ASP C 21 22.26 8.01 23.77
N LEU C 22 22.14 9.32 23.94
CA LEU C 22 22.79 10.27 23.06
C LEU C 22 23.71 11.20 23.83
N GLU C 23 24.75 11.69 23.17
CA GLU C 23 25.53 12.82 23.68
C GLU C 23 25.32 13.99 22.74
N MET C 24 25.14 15.19 23.30
CA MET C 24 24.79 16.37 22.51
C MET C 24 25.81 17.49 22.68
N THR C 25 25.71 18.52 21.84
CA THR C 25 26.59 19.68 21.93
C THR C 25 26.18 20.62 23.06
N GLY C 26 24.99 20.39 23.61
CA GLY C 26 24.46 21.21 24.70
C GLY C 26 23.11 20.71 25.17
N LEU C 27 22.51 21.41 26.13
CA LEU C 27 21.28 20.95 26.77
C LEU C 27 20.00 21.54 26.17
N ASP C 28 20.14 22.45 25.20
CA ASP C 28 18.98 23.05 24.55
C ASP C 28 18.33 22.07 23.59
N THR C 29 17.19 21.50 23.98
CA THR C 29 16.51 20.50 23.17
C THR C 29 15.97 21.07 21.85
N ASP C 30 15.86 22.39 21.78
CA ASP C 30 15.34 23.06 20.59
C ASP C 30 16.41 23.39 19.55
N ASN C 31 17.68 23.46 19.95
CA ASN C 31 18.70 24.01 19.05
C ASN C 31 19.99 23.20 18.92
N ASP C 32 20.37 22.46 19.95
CA ASP C 32 21.65 21.75 19.95
C ASP C 32 21.62 20.48 19.09
N GLN C 33 22.81 19.91 18.85
CA GLN C 33 22.98 18.77 17.94
C GLN C 33 23.43 17.51 18.67
N ILE C 34 23.15 16.36 18.05
CA ILE C 34 23.66 15.08 18.53
C ILE C 34 25.10 14.87 18.00
N ILE C 35 25.99 14.40 18.86
CA ILE C 35 27.36 14.10 18.42
C ILE C 35 27.70 12.63 18.64
N GLU C 36 26.94 11.94 19.48
CA GLU C 36 27.15 10.52 19.68
C GLU C 36 25.85 9.77 19.92
N ILE C 37 25.73 8.59 19.32
CA ILE C 37 24.58 7.73 19.58
C ILE C 37 25.06 6.30 19.81
N ALA C 38 24.37 5.60 20.71
CA ALA C 38 24.63 4.19 20.95
C ALA C 38 23.33 3.48 21.33
N THR C 39 23.26 2.19 21.04
CA THR C 39 22.08 1.38 21.38
C THR C 39 22.47 0.01 21.92
N ILE C 40 21.56 -0.60 22.69
CA ILE C 40 21.72 -1.96 23.20
C ILE C 40 20.36 -2.65 23.17
N ILE C 41 20.34 -3.93 22.77
CA ILE C 41 19.12 -4.74 22.81
C ILE C 41 19.11 -5.66 24.03
N THR C 42 18.04 -5.67 24.81
CA THR C 42 17.85 -6.69 25.84
C THR C 42 16.51 -7.39 25.62
N ASP C 43 16.28 -8.51 26.31
CA ASP C 43 14.93 -9.08 26.32
C ASP C 43 14.11 -8.40 27.43
N ASP C 44 12.86 -8.83 27.63
CA ASP C 44 12.01 -8.20 28.65
C ASP C 44 12.55 -8.43 30.07
N HIS C 45 13.57 -9.27 30.21
CA HIS C 45 14.12 -9.59 31.51
C HIS C 45 15.60 -9.19 31.63
N LEU C 46 15.99 -8.22 30.80
CA LEU C 46 17.29 -7.54 30.90
C LEU C 46 18.50 -8.38 30.55
N ASN C 47 18.29 -9.55 29.94
CA ASN C 47 19.42 -10.23 29.30
C ASN C 47 19.87 -9.42 28.10
N VAL C 48 21.14 -9.06 28.03
CA VAL C 48 21.69 -8.32 26.90
C VAL C 48 21.86 -9.24 25.70
N LEU C 49 21.18 -8.94 24.59
CA LEU C 49 21.21 -9.80 23.41
C LEU C 49 22.27 -9.34 22.41
N ALA C 50 22.46 -8.03 22.28
CA ALA C 50 23.46 -7.49 21.36
C ALA C 50 23.69 -6.00 21.63
N GLU C 51 24.94 -5.58 21.56
CA GLU C 51 25.25 -4.16 21.61
C GLU C 51 25.29 -3.57 20.20
N GLY C 52 24.64 -2.43 20.02
CA GLY C 52 24.56 -1.79 18.72
C GLY C 52 25.76 -0.96 18.37
N PRO C 53 25.71 -0.27 17.21
CA PRO C 53 26.84 0.53 16.74
C PRO C 53 27.02 1.82 17.52
N VAL C 54 28.27 2.17 17.83
CA VAL C 54 28.61 3.43 18.46
C VAL C 54 29.03 4.39 17.38
N LEU C 55 28.27 5.46 17.20
CA LEU C 55 28.53 6.36 16.08
C LEU C 55 28.75 7.80 16.54
N ALA C 56 29.84 8.40 16.08
CA ALA C 56 30.08 9.82 16.31
C ALA C 56 29.61 10.60 15.10
N ILE C 57 28.87 11.67 15.33
CA ILE C 57 28.32 12.47 14.26
C ILE C 57 29.14 13.72 14.07
N HIS C 58 29.54 13.98 12.84
CA HIS C 58 30.41 15.11 12.54
C HIS C 58 29.71 16.45 12.75
N GLN C 59 30.44 17.41 13.30
CA GLN C 59 29.97 18.79 13.41
C GLN C 59 31.09 19.75 13.00
N PRO C 60 30.75 20.84 12.32
CA PRO C 60 31.77 21.84 11.94
C PRO C 60 32.41 22.48 13.17
N ASP C 61 33.56 23.10 12.99
CA ASP C 61 34.30 23.70 14.11
C ASP C 61 33.52 24.84 14.78
N ARG C 62 32.72 25.56 14.00
N ARG C 62 32.72 25.55 14.00
CA ARG C 62 31.92 26.66 14.53
CA ARG C 62 31.91 26.66 14.51
C ARG C 62 31.01 26.19 15.66
C ARG C 62 31.01 26.20 15.66
N ILE C 63 30.36 25.05 15.47
CA ILE C 63 29.47 24.49 16.47
C ILE C 63 30.26 23.99 17.69
N LEU C 64 31.37 23.32 17.44
CA LEU C 64 32.19 22.77 18.52
C LEU C 64 32.77 23.86 19.44
N ASN C 65 33.26 24.94 18.85
CA ASN C 65 33.84 26.04 19.62
C ASN C 65 32.79 26.72 20.50
N ALA C 66 31.54 26.67 20.07
CA ALA C 66 30.44 27.34 20.77
C ALA C 66 30.03 26.61 22.06
N MET C 67 30.42 25.35 22.18
CA MET C 67 30.08 24.56 23.37
C MET C 67 30.67 25.13 24.65
N ASP C 68 29.91 25.06 25.74
CA ASP C 68 30.35 25.60 27.03
C ASP C 68 31.55 24.83 27.58
N GLU C 69 32.17 25.38 28.61
CA GLU C 69 33.45 24.89 29.11
C GLU C 69 33.43 23.40 29.49
N TRP C 70 32.41 22.96 30.22
CA TRP C 70 32.39 21.58 30.69
C TRP C 70 32.20 20.56 29.57
N ASN C 71 31.28 20.81 28.64
CA ASN C 71 31.05 19.89 27.55
C ASN C 71 32.30 19.75 26.69
N THR C 72 33.02 20.86 26.54
CA THR C 72 34.29 20.86 25.83
C THR C 72 35.30 20.02 26.59
N ARG C 73 35.35 20.21 27.91
CA ARG C 73 36.28 19.48 28.76
C ARG C 73 35.96 17.99 28.86
N GLN C 74 34.71 17.65 29.15
CA GLN C 74 34.35 16.25 29.38
C GLN C 74 34.46 15.44 28.09
N HIS C 75 34.15 16.05 26.96
CA HIS C 75 34.19 15.34 25.69
C HIS C 75 35.50 15.60 24.98
N GLY C 76 36.36 16.38 25.61
CA GLY C 76 37.75 16.46 25.18
C GLY C 76 38.48 15.28 25.78
N GLN C 77 38.29 15.09 27.08
CA GLN C 77 38.96 14.01 27.82
C GLN C 77 38.44 12.63 27.43
N SER C 78 37.16 12.57 27.07
CA SER C 78 36.53 11.30 26.68
C SER C 78 36.97 10.88 25.29
N GLY C 79 37.59 11.81 24.56
CA GLY C 79 38.02 11.56 23.20
C GLY C 79 36.91 11.62 22.17
N LEU C 80 35.74 12.11 22.57
CA LEU C 80 34.59 12.18 21.67
C LEU C 80 34.73 13.31 20.66
N ILE C 81 35.26 14.45 21.11
CA ILE C 81 35.43 15.60 20.23
C ILE C 81 36.34 15.26 19.05
N GLU C 82 37.43 14.53 19.33
CA GLU C 82 38.35 14.10 18.28
C GLU C 82 37.65 13.16 17.29
N ARG C 83 36.83 12.25 17.81
CA ARG C 83 36.05 11.34 16.99
C ARG C 83 35.03 12.07 16.13
N VAL C 84 34.46 13.14 16.67
CA VAL C 84 33.50 13.95 15.94
C VAL C 84 34.18 14.67 14.78
N ARG C 85 35.36 15.22 15.03
CA ARG C 85 36.09 15.95 14.00
C ARG C 85 36.49 15.04 12.83
N ARG C 86 36.97 13.82 13.15
CA ARG C 86 37.41 12.90 12.12
C ARG C 86 36.24 12.18 11.43
N SER C 87 35.06 12.21 12.04
CA SER C 87 33.91 11.51 11.49
C SER C 87 33.41 12.14 10.19
N LYS C 88 32.94 11.30 9.27
CA LYS C 88 32.32 11.78 8.04
C LYS C 88 30.84 11.38 8.01
N LEU C 89 30.30 11.00 9.16
CA LEU C 89 28.91 10.61 9.25
C LEU C 89 28.01 11.81 9.55
N THR C 90 26.91 11.93 8.82
CA THR C 90 25.87 12.90 9.14
C THR C 90 24.91 12.29 10.15
N ALA C 91 23.94 13.08 10.60
CA ALA C 91 22.93 12.54 11.51
C ALA C 91 22.11 11.47 10.80
N ARG C 92 21.87 11.68 9.50
CA ARG C 92 21.11 10.75 8.69
C ARG C 92 21.86 9.42 8.50
N ASP C 93 23.17 9.50 8.26
CA ASP C 93 24.02 8.31 8.19
C ASP C 93 23.94 7.49 9.48
N ALA C 94 24.02 8.17 10.62
CA ALA C 94 24.01 7.50 11.90
C ALA C 94 22.63 6.90 12.17
N GLU C 95 21.60 7.67 11.83
CA GLU C 95 20.21 7.22 11.94
C GLU C 95 19.97 5.93 11.16
N LEU C 96 20.31 5.94 9.88
CA LEU C 96 20.09 4.78 9.01
C LEU C 96 20.88 3.56 9.50
N GLN C 97 22.09 3.79 9.98
CA GLN C 97 22.91 2.71 10.48
C GLN C 97 22.33 2.11 11.77
N THR C 98 21.77 2.96 12.62
CA THR C 98 21.15 2.48 13.86
C THR C 98 19.86 1.72 13.54
N LEU C 99 19.09 2.23 12.60
CA LEU C 99 17.85 1.58 12.17
C LEU C 99 18.10 0.18 11.61
N GLU C 100 19.19 0.04 10.85
CA GLU C 100 19.55 -1.23 10.24
C GLU C 100 19.83 -2.28 11.31
N PHE C 101 20.49 -1.85 12.39
CA PHE C 101 20.76 -2.76 13.51
C PHE C 101 19.48 -3.14 14.25
N LEU C 102 18.64 -2.15 14.54
CA LEU C 102 17.44 -2.38 15.34
C LEU C 102 16.47 -3.34 14.64
N LYS C 103 16.37 -3.22 13.32
CA LYS C 103 15.44 -4.05 12.55
C LYS C 103 15.80 -5.53 12.60
N LYS C 104 17.05 -5.85 12.93
CA LYS C 104 17.47 -7.24 13.07
C LYS C 104 17.01 -7.85 14.40
N TRP C 105 16.63 -6.99 15.34
CA TRP C 105 16.41 -7.47 16.70
C TRP C 105 15.01 -7.23 17.23
N VAL C 106 14.37 -6.14 16.80
CA VAL C 106 13.06 -5.77 17.32
C VAL C 106 12.15 -5.23 16.22
N ASN C 107 10.88 -5.61 16.27
CA ASN C 107 9.90 -5.06 15.32
C ASN C 107 9.59 -3.60 15.65
N PRO C 108 9.08 -2.83 14.67
CA PRO C 108 8.76 -1.42 14.92
C PRO C 108 7.59 -1.21 15.90
N LYS C 109 7.68 -0.12 16.67
CA LYS C 109 6.62 0.32 17.60
C LYS C 109 6.40 -0.66 18.74
N VAL C 110 7.37 -1.53 18.96
CA VAL C 110 7.25 -2.57 19.98
C VAL C 110 7.82 -2.11 21.32
N SER C 111 9.02 -1.54 21.26
CA SER C 111 9.75 -1.20 22.48
C SER C 111 9.59 0.26 22.90
N PRO C 112 9.34 0.50 24.19
CA PRO C 112 9.47 1.87 24.69
C PRO C 112 10.92 2.30 24.59
N MET C 113 11.16 3.61 24.65
CA MET C 113 12.53 4.11 24.64
C MET C 113 13.14 3.92 26.04
N CYS C 114 14.16 3.07 26.16
CA CYS C 114 14.71 2.72 27.48
C CYS C 114 16.06 3.35 27.76
N GLY C 115 16.26 3.75 29.01
CA GLY C 115 17.52 4.34 29.46
C GLY C 115 17.34 5.27 30.63
N ASN C 116 18.22 6.28 30.73
CA ASN C 116 18.10 7.31 31.76
C ASN C 116 17.81 8.66 31.09
N SER C 117 17.09 9.53 31.79
CA SER C 117 16.65 10.84 31.27
C SER C 117 16.19 10.74 29.82
N ILE C 118 15.28 9.82 29.57
CA ILE C 118 14.90 9.42 28.22
C ILE C 118 14.13 10.51 27.47
N CYS C 119 13.38 11.32 28.21
CA CYS C 119 12.59 12.39 27.59
C CYS C 119 13.50 13.34 26.81
N GLN C 120 14.65 13.69 27.39
CA GLN C 120 15.60 14.57 26.71
C GLN C 120 16.09 13.91 25.42
N ASP C 121 16.45 12.63 25.52
CA ASP C 121 16.88 11.87 24.34
C ASP C 121 15.81 11.86 23.26
N ARG C 122 14.56 11.58 23.65
CA ARG C 122 13.46 11.52 22.70
C ARG C 122 13.21 12.85 22.00
N ARG C 123 13.37 13.95 22.73
CA ARG C 123 13.17 15.26 22.11
C ARG C 123 14.23 15.57 21.05
N PHE C 124 15.49 15.24 21.34
CA PHE C 124 16.54 15.43 20.34
C PHE C 124 16.31 14.53 19.13
N LEU C 125 15.92 13.28 19.37
CA LEU C 125 15.65 12.35 18.27
C LEU C 125 14.47 12.83 17.43
N HIS C 126 13.44 13.38 18.06
CA HIS C 126 12.29 13.86 17.33
C HIS C 126 12.69 14.93 16.31
N ARG C 127 13.59 15.82 16.72
CA ARG C 127 13.99 16.94 15.89
C ARG C 127 15.03 16.55 14.84
N LEU C 128 15.92 15.62 15.16
CA LEU C 128 17.10 15.37 14.32
C LEU C 128 17.10 14.00 13.64
N MET C 129 16.46 13.02 14.28
CA MET C 129 16.33 11.69 13.70
C MET C 129 14.90 11.16 13.86
N PRO C 130 13.93 11.84 13.23
CA PRO C 130 12.51 11.51 13.45
C PRO C 130 12.14 10.08 13.06
N GLU C 131 12.76 9.53 12.02
CA GLU C 131 12.43 8.17 11.59
C GLU C 131 12.86 7.15 12.65
N LEU C 132 14.04 7.35 13.23
CA LEU C 132 14.49 6.48 14.31
C LEU C 132 13.59 6.64 15.53
N GLU C 133 13.19 7.87 15.81
CA GLU C 133 12.30 8.15 16.94
C GLU C 133 10.97 7.41 16.77
N GLN C 134 10.50 7.30 15.53
CA GLN C 134 9.23 6.65 15.23
C GLN C 134 9.33 5.12 15.21
N TYR C 135 10.55 4.59 15.33
CA TYR C 135 10.71 3.13 15.41
C TYR C 135 10.38 2.63 16.83
N PHE C 136 10.53 3.49 17.83
CA PHE C 136 10.15 3.15 19.19
C PHE C 136 8.63 3.21 19.36
N HIS C 137 8.10 2.46 20.32
CA HIS C 137 6.76 2.73 20.82
C HIS C 137 6.79 4.13 21.43
N TYR C 138 5.65 4.80 21.52
CA TYR C 138 5.65 6.20 21.97
C TYR C 138 5.98 6.32 23.46
N ARG C 139 5.90 5.22 24.20
CA ARG C 139 6.13 5.27 25.63
C ARG C 139 7.61 5.21 25.99
N ASN C 140 7.92 5.58 27.22
CA ASN C 140 9.30 5.60 27.73
C ASN C 140 9.48 4.66 28.91
N LEU C 141 10.69 4.13 29.05
CA LEU C 141 11.06 3.39 30.24
C LEU C 141 12.29 4.08 30.80
N ASP C 142 12.07 4.97 31.76
CA ASP C 142 13.14 5.80 32.31
C ASP C 142 13.56 5.33 33.70
N VAL C 143 14.78 4.81 33.79
CA VAL C 143 15.30 4.25 35.02
C VAL C 143 15.39 5.31 36.13
N SER C 144 15.53 6.58 35.75
CA SER C 144 15.64 7.63 36.75
C SER C 144 14.32 7.84 37.50
N THR C 145 13.20 7.39 36.93
CA THR C 145 11.93 7.41 37.67
C THR C 145 12.04 6.48 38.88
N VAL C 146 12.55 5.28 38.66
CA VAL C 146 12.75 4.31 39.74
C VAL C 146 13.72 4.88 40.78
N LYS C 147 14.74 5.60 40.31
CA LYS C 147 15.73 6.19 41.20
C LYS C 147 15.08 7.24 42.10
N GLU C 148 14.20 8.05 41.53
CA GLU C 148 13.45 9.04 42.31
C GLU C 148 12.63 8.38 43.41
N LEU C 149 12.09 7.20 43.13
CA LEU C 149 11.30 6.48 44.11
C LEU C 149 12.20 5.86 45.18
N SER C 150 13.32 5.31 44.72
CA SER C 150 14.27 4.66 45.61
C SER C 150 14.89 5.64 46.62
N LYS C 151 15.19 6.85 46.16
CA LYS C 151 15.74 7.88 47.04
C LYS C 151 14.81 8.17 48.21
N ARG C 152 13.51 8.14 47.96
CA ARG C 152 12.52 8.50 48.98
C ARG C 152 12.06 7.32 49.83
N TRP C 153 12.00 6.14 49.24
CA TRP C 153 11.41 4.99 49.92
C TRP C 153 12.46 4.01 50.45
N ARG C 154 13.61 3.94 49.78
CA ARG C 154 14.69 3.07 50.23
C ARG C 154 16.03 3.80 50.18
N PRO C 155 16.20 4.82 51.02
CA PRO C 155 17.42 5.64 51.02
C PRO C 155 18.70 4.83 51.23
N GLU C 156 18.59 3.73 51.99
CA GLU C 156 19.78 3.00 52.45
C GLU C 156 20.42 2.14 51.36
N ILE C 157 19.76 1.97 50.21
CA ILE C 157 20.35 1.14 49.15
C ILE C 157 21.07 2.00 48.11
N MET C 158 20.92 3.32 48.19
CA MET C 158 21.48 4.20 47.17
C MET C 158 23.01 4.18 47.11
N SER C 159 23.66 3.93 48.24
CA SER C 159 25.12 3.97 48.29
C SER C 159 25.75 2.78 47.55
N GLY C 160 24.94 1.76 47.26
CA GLY C 160 25.40 0.61 46.51
C GLY C 160 25.54 0.84 45.02
N LEU C 161 25.02 1.96 44.54
CA LEU C 161 25.15 2.32 43.12
C LEU C 161 26.56 2.79 42.83
N LYS C 162 27.19 2.20 41.82
CA LYS C 162 28.55 2.59 41.44
C LYS C 162 28.54 3.88 40.62
N LYS C 163 29.28 4.88 41.08
CA LYS C 163 29.36 6.17 40.39
C LYS C 163 30.03 6.04 39.03
N ASN C 164 29.64 6.92 38.10
CA ASN C 164 30.16 6.90 36.74
C ASN C 164 31.67 7.18 36.71
N SER C 166 31.84 5.90 32.19
CA SER C 166 32.41 7.20 31.84
C SER C 166 31.33 8.14 31.33
N HIS C 167 31.71 9.01 30.39
CA HIS C 167 30.80 10.03 29.87
C HIS C 167 30.34 9.68 28.45
N LEU C 168 30.70 8.49 27.98
CA LEU C 168 30.37 8.07 26.62
C LEU C 168 29.00 7.39 26.56
N ALA C 169 28.34 7.51 25.41
CA ALA C 169 26.97 7.02 25.25
C ALA C 169 26.82 5.54 25.58
N MET C 170 27.70 4.71 25.06
CA MET C 170 27.58 3.26 25.27
C MET C 170 27.75 2.92 26.75
N ASP C 171 28.70 3.55 27.42
CA ASP C 171 28.88 3.32 28.86
C ASP C 171 27.68 3.82 29.65
N ASP C 172 27.06 4.90 29.18
CA ASP C 172 25.87 5.42 29.82
C ASP C 172 24.74 4.38 29.79
N ILE C 173 24.53 3.74 28.64
CA ILE C 173 23.50 2.72 28.52
C ILE C 173 23.78 1.54 29.43
N ARG C 174 25.02 1.04 29.37
CA ARG C 174 25.46 -0.06 30.22
C ARG C 174 25.23 0.25 31.70
N ASP C 175 25.50 1.49 32.11
CA ASP C 175 25.27 1.91 33.48
C ASP C 175 23.78 1.87 33.84
N SER C 176 22.92 2.32 32.93
CA SER C 176 21.50 2.38 33.22
C SER C 176 20.91 0.96 33.29
N ILE C 177 21.45 0.04 32.52
CA ILE C 177 21.03 -1.35 32.60
C ILE C 177 21.50 -1.95 33.91
N SER C 178 22.74 -1.65 34.30
CA SER C 178 23.26 -2.13 35.57
C SER C 178 22.44 -1.57 36.73
N GLU C 179 22.06 -0.31 36.62
CA GLU C 179 21.30 0.36 37.66
C GLU C 179 19.93 -0.30 37.85
N LEU C 180 19.24 -0.59 36.75
CA LEU C 180 17.92 -1.21 36.82
C LEU C 180 18.01 -2.63 37.39
N LYS C 181 19.05 -3.38 37.00
CA LYS C 181 19.28 -4.70 37.57
C LYS C 181 19.50 -4.61 39.07
N TYR C 182 20.16 -3.55 39.51
CA TYR C 182 20.36 -3.31 40.93
C TYR C 182 19.00 -3.08 41.63
N TYR C 183 18.12 -2.31 41.00
CA TYR C 183 16.79 -2.09 41.57
C TYR C 183 15.96 -3.36 41.58
N ARG C 184 16.06 -4.16 40.52
CA ARG C 184 15.33 -5.42 40.45
C ARG C 184 15.71 -6.32 41.62
N GLU C 185 16.98 -6.28 42.00
CA GLU C 185 17.51 -7.10 43.08
C GLU C 185 17.07 -6.65 44.47
N TYR C 186 17.00 -5.34 44.71
CA TYR C 186 16.74 -4.86 46.08
C TYR C 186 15.45 -4.05 46.26
N PHE C 187 14.82 -3.61 45.17
CA PHE C 187 13.69 -2.68 45.27
C PHE C 187 12.36 -3.24 44.74
N PHE C 188 12.42 -4.29 43.92
CA PHE C 188 11.19 -4.84 43.32
C PHE C 188 10.83 -6.22 43.84
N ILE C 189 9.55 -6.46 44.03
CA ILE C 189 9.06 -7.79 44.39
C ILE C 189 8.90 -8.62 43.13
N MET C 190 9.81 -9.56 42.93
CA MET C 190 9.83 -10.37 41.72
C MET C 190 9.09 -11.69 41.92
N ASN C 191 8.95 -12.09 43.17
CA ASN C 191 8.27 -13.34 43.54
C ASN C 191 6.84 -13.38 43.04
N THR C 192 6.54 -14.35 42.19
CA THR C 192 5.19 -14.54 41.67
C THR C 192 4.24 -15.00 42.78
N HIS D 8 7.87 7.88 59.56
CA HIS D 8 8.39 8.82 58.57
C HIS D 8 8.24 10.26 59.07
N MET D 9 9.22 11.09 58.72
CA MET D 9 9.19 12.51 59.04
C MET D 9 8.13 13.22 58.19
N SER D 10 7.39 14.13 58.82
N SER D 10 7.34 14.11 58.80
CA SER D 10 6.35 14.91 58.15
CA SER D 10 6.30 14.75 58.02
C SER D 10 6.95 15.83 57.09
C SER D 10 6.87 15.89 57.17
N SER D 11 6.17 16.15 56.06
CA SER D 11 6.69 16.93 54.93
C SER D 11 6.92 18.42 55.17
N THR D 12 7.76 18.98 54.31
CA THR D 12 8.07 20.41 54.27
C THR D 12 8.01 20.90 52.82
N LEU D 13 8.29 22.19 52.62
CA LEU D 13 8.37 22.77 51.28
C LEU D 13 9.45 22.12 50.42
N ASN D 14 10.36 21.36 51.04
CA ASN D 14 11.47 20.75 50.33
C ASN D 14 11.35 19.23 50.21
N THR D 15 10.24 18.67 50.67
CA THR D 15 10.06 17.22 50.62
C THR D 15 8.67 16.85 50.15
N ARG D 16 8.22 17.53 49.10
CA ARG D 16 6.90 17.27 48.52
C ARG D 16 6.99 17.05 47.00
N LEU D 17 5.92 16.52 46.43
CA LEU D 17 5.86 16.18 45.02
C LEU D 17 4.74 16.94 44.32
N ILE D 18 5.04 17.48 43.13
CA ILE D 18 4.02 18.13 42.32
C ILE D 18 3.53 17.16 41.23
N TRP D 19 2.24 16.88 41.25
CA TRP D 19 1.61 16.05 40.24
C TRP D 19 0.84 16.93 39.26
N ILE D 20 0.99 16.66 37.96
CA ILE D 20 0.39 17.50 36.95
C ILE D 20 -0.06 16.68 35.74
N ASP D 21 -1.21 17.06 35.16
CA ASP D 21 -1.62 16.51 33.88
C ASP D 21 -2.24 17.58 33.01
N LEU D 22 -2.10 17.42 31.69
CA LEU D 22 -2.66 18.35 30.73
C LEU D 22 -3.55 17.63 29.72
N GLU D 23 -4.49 18.37 29.15
CA GLU D 23 -5.17 17.90 27.95
C GLU D 23 -4.89 18.90 26.84
N MET D 24 -4.81 18.40 25.61
CA MET D 24 -4.40 19.23 24.48
C MET D 24 -5.35 19.13 23.29
N THR D 25 -5.16 20.00 22.31
CA THR D 25 -5.95 19.99 21.09
C THR D 25 -5.49 18.86 20.15
N GLY D 26 -4.35 18.25 20.50
CA GLY D 26 -3.77 17.21 19.68
C GLY D 26 -2.42 16.74 20.18
N LEU D 27 -1.76 15.90 19.39
CA LEU D 27 -0.52 15.24 19.81
C LEU D 27 0.76 15.91 19.31
N ASP D 28 0.61 16.97 18.51
CA ASP D 28 1.79 17.65 17.98
C ASP D 28 2.42 18.54 19.05
N THR D 29 3.50 18.05 19.65
CA THR D 29 4.19 18.76 20.73
C THR D 29 4.82 20.06 20.24
N ASP D 30 4.91 20.23 18.92
CA ASP D 30 5.50 21.44 18.35
C ASP D 30 4.45 22.51 18.03
N ASN D 31 3.19 22.12 17.88
CA ASN D 31 2.18 23.04 17.34
C ASN D 31 0.87 23.16 18.11
N ASP D 32 0.43 22.08 18.75
CA ASP D 32 -0.87 22.08 19.41
C ASP D 32 -0.90 22.89 20.71
N GLN D 33 -2.12 23.09 21.23
CA GLN D 33 -2.33 23.93 22.40
C GLN D 33 -2.77 23.11 23.61
N ILE D 34 -2.57 23.68 24.79
CA ILE D 34 -3.10 23.13 26.03
C ILE D 34 -4.52 23.66 26.21
N ILE D 35 -5.46 22.78 26.56
CA ILE D 35 -6.82 23.23 26.82
C ILE D 35 -7.28 22.90 28.25
N GLU D 36 -6.52 22.09 28.96
CA GLU D 36 -6.85 21.79 30.35
C GLU D 36 -5.58 21.48 31.15
N ILE D 37 -5.59 21.92 32.41
CA ILE D 37 -4.45 21.70 33.30
C ILE D 37 -4.98 21.46 34.72
N ALA D 38 -4.31 20.57 35.46
CA ALA D 38 -4.66 20.32 36.84
C ALA D 38 -3.40 19.92 37.60
N THR D 39 -3.39 20.18 38.92
CA THR D 39 -2.25 19.82 39.75
C THR D 39 -2.71 19.22 41.09
N ILE D 40 -1.87 18.34 41.65
CA ILE D 40 -2.09 17.80 42.99
C ILE D 40 -0.78 17.76 43.75
N ILE D 41 -0.81 18.09 45.04
CA ILE D 41 0.38 18.05 45.89
C ILE D 41 0.34 16.83 46.80
N THR D 42 1.41 16.04 46.81
CA THR D 42 1.57 15.00 47.81
C THR D 42 2.87 15.18 48.56
N ASP D 43 3.02 14.49 49.69
CA ASP D 43 4.32 14.40 50.32
C ASP D 43 5.09 13.26 49.65
N ASP D 44 6.30 12.99 50.13
CA ASP D 44 7.15 11.96 49.53
C ASP D 44 6.60 10.55 49.71
N HIS D 45 5.55 10.42 50.51
CA HIS D 45 4.95 9.12 50.76
C HIS D 45 3.50 9.09 50.28
N LEU D 46 3.20 9.96 49.32
CA LEU D 46 1.94 9.96 48.56
C LEU D 46 0.69 10.30 49.39
N ASN D 47 0.88 10.96 50.52
CA ASN D 47 -0.27 11.54 51.20
C ASN D 47 -0.69 12.79 50.43
N VAL D 48 -1.94 12.83 49.98
CA VAL D 48 -2.43 14.00 49.24
C VAL D 48 -2.65 15.15 50.22
N LEU D 49 -1.97 16.26 49.97
CA LEU D 49 -2.00 17.39 50.89
C LEU D 49 -2.98 18.43 50.40
N ALA D 50 -3.05 18.62 49.09
CA ALA D 50 -3.99 19.57 48.50
C ALA D 50 -4.17 19.29 47.01
N GLU D 51 -5.39 19.50 46.53
CA GLU D 51 -5.66 19.46 45.10
C GLU D 51 -5.64 20.88 44.55
N GLY D 52 -4.94 21.08 43.44
CA GLY D 52 -4.82 22.38 42.82
C GLY D 52 -6.00 22.78 41.95
N PRO D 53 -5.90 23.93 41.29
CA PRO D 53 -7.01 24.39 40.44
C PRO D 53 -7.10 23.58 39.15
N VAL D 54 -8.33 23.29 38.72
CA VAL D 54 -8.58 22.67 37.41
C VAL D 54 -9.01 23.77 36.46
N LEU D 55 -8.20 24.05 35.45
CA LEU D 55 -8.50 25.19 34.58
C LEU D 55 -8.60 24.77 33.11
N ALA D 56 -9.62 25.28 32.44
CA ALA D 56 -9.74 25.14 31.00
C ALA D 56 -9.24 26.42 30.34
N ILE D 57 -8.34 26.27 29.37
CA ILE D 57 -7.80 27.42 28.65
C ILE D 57 -8.60 27.68 27.39
N HIS D 58 -9.04 28.92 27.22
CA HIS D 58 -9.81 29.31 26.06
C HIS D 58 -9.02 29.13 24.76
N GLN D 59 -9.72 28.71 23.72
CA GLN D 59 -9.15 28.65 22.39
C GLN D 59 -10.16 29.20 21.39
N PRO D 60 -9.69 29.99 20.41
CA PRO D 60 -10.58 30.48 19.35
C PRO D 60 -11.10 29.33 18.50
N ASP D 61 -12.15 29.58 17.72
CA ASP D 61 -12.80 28.53 16.95
C ASP D 61 -11.92 27.99 15.83
N ARG D 62 -11.07 28.84 15.26
CA ARG D 62 -10.18 28.42 14.17
C ARG D 62 -9.28 27.29 14.66
N ILE D 63 -8.88 27.36 15.92
CA ILE D 63 -8.00 26.35 16.50
C ILE D 63 -8.80 25.08 16.81
N LEU D 64 -10.01 25.25 17.35
CA LEU D 64 -10.86 24.10 17.67
C LEU D 64 -11.31 23.36 16.41
N ASN D 65 -11.68 24.10 15.38
CA ASN D 65 -12.18 23.48 14.16
C ASN D 65 -11.07 22.76 13.39
N ALA D 66 -9.82 23.14 13.64
CA ALA D 66 -8.69 22.49 12.99
C ALA D 66 -8.31 21.16 13.67
N MET D 67 -8.97 20.84 14.78
CA MET D 67 -8.70 19.60 15.50
C MET D 67 -9.14 18.38 14.69
N ASP D 68 -8.40 17.29 14.84
CA ASP D 68 -8.79 16.01 14.22
C ASP D 68 -10.17 15.61 14.73
N GLU D 69 -10.91 14.86 13.90
CA GLU D 69 -12.28 14.48 14.23
C GLU D 69 -12.35 13.66 15.53
N TRP D 70 -11.38 12.78 15.72
CA TRP D 70 -11.44 11.88 16.88
C TRP D 70 -11.08 12.59 18.19
N ASN D 71 -10.32 13.68 18.11
CA ASN D 71 -10.03 14.47 19.29
C ASN D 71 -11.18 15.42 19.62
N THR D 72 -11.85 15.93 18.59
CA THR D 72 -13.04 16.74 18.79
C THR D 72 -14.14 15.90 19.44
N ARG D 73 -14.30 14.66 18.97
CA ARG D 73 -15.29 13.73 19.50
C ARG D 73 -15.03 13.45 20.98
N GLN D 74 -13.77 13.23 21.33
CA GLN D 74 -13.43 12.85 22.69
C GLN D 74 -13.61 14.00 23.68
N HIS D 75 -12.98 15.14 23.37
CA HIS D 75 -13.02 16.28 24.26
C HIS D 75 -14.40 16.95 24.26
N GLY D 76 -15.21 16.62 23.26
CA GLY D 76 -16.59 17.08 23.22
C GLY D 76 -17.46 16.33 24.21
N GLN D 77 -17.34 15.01 24.22
CA GLN D 77 -18.22 14.17 25.03
C GLN D 77 -17.87 14.24 26.51
N SER D 78 -16.62 14.61 26.81
CA SER D 78 -16.21 14.77 28.20
C SER D 78 -16.66 16.13 28.74
N GLY D 79 -17.10 17.01 27.84
CA GLY D 79 -17.55 18.33 28.21
C GLY D 79 -16.45 19.39 28.23
N LEU D 80 -15.24 19.01 27.84
CA LEU D 80 -14.11 19.92 27.90
C LEU D 80 -14.18 21.01 26.84
N ILE D 81 -14.65 20.67 25.63
CA ILE D 81 -14.79 21.66 24.57
C ILE D 81 -15.72 22.80 24.99
N GLU D 82 -16.87 22.45 25.57
CA GLU D 82 -17.82 23.45 26.04
C GLU D 82 -17.15 24.32 27.10
N ARG D 83 -16.37 23.70 27.98
CA ARG D 83 -15.65 24.42 29.02
C ARG D 83 -14.61 25.37 28.42
N VAL D 84 -13.93 24.93 27.36
CA VAL D 84 -12.95 25.75 26.67
C VAL D 84 -13.61 26.96 26.01
N ARG D 85 -14.74 26.74 25.33
CA ARG D 85 -15.45 27.84 24.69
C ARG D 85 -15.95 28.87 25.71
N ARG D 86 -16.46 28.41 26.84
CA ARG D 86 -17.03 29.29 27.86
C ARG D 86 -15.93 29.99 28.67
N SER D 87 -14.75 29.38 28.72
CA SER D 87 -13.64 29.92 29.50
C SER D 87 -13.12 31.25 28.94
N LYS D 88 -12.69 32.13 29.85
CA LYS D 88 -12.06 33.38 29.46
C LYS D 88 -10.57 33.41 29.83
N LEU D 89 -10.02 32.24 30.17
CA LEU D 89 -8.62 32.16 30.60
C LEU D 89 -7.66 31.93 29.44
N THR D 90 -6.54 32.64 29.45
CA THR D 90 -5.46 32.37 28.51
C THR D 90 -4.48 31.38 29.11
N ALA D 91 -3.52 30.93 28.31
CA ALA D 91 -2.48 30.02 28.81
C ALA D 91 -1.72 30.67 29.97
N ARG D 92 -1.38 31.94 29.82
CA ARG D 92 -0.66 32.69 30.85
C ARG D 92 -1.47 32.81 32.15
N ASP D 93 -2.78 33.04 32.01
CA ASP D 93 -3.66 33.09 33.17
C ASP D 93 -3.62 31.78 33.96
N ALA D 94 -3.76 30.67 33.25
CA ALA D 94 -3.78 29.36 33.89
C ALA D 94 -2.42 29.07 34.52
N GLU D 95 -1.35 29.48 33.85
CA GLU D 95 0.01 29.32 34.36
C GLU D 95 0.20 30.06 35.69
N LEU D 96 -0.21 31.32 35.72
CA LEU D 96 -0.06 32.15 36.92
C LEU D 96 -0.88 31.59 38.09
N GLN D 97 -2.10 31.14 37.81
CA GLN D 97 -2.95 30.55 38.84
C GLN D 97 -2.30 29.29 39.43
N THR D 98 -1.82 28.41 38.56
CA THR D 98 -1.15 27.20 39.02
C THR D 98 0.09 27.54 39.85
N LEU D 99 0.90 28.48 39.36
CA LEU D 99 2.11 28.90 40.07
C LEU D 99 1.79 29.43 41.46
N GLU D 100 0.71 30.21 41.56
CA GLU D 100 0.28 30.78 42.84
C GLU D 100 -0.07 29.66 43.82
N PHE D 101 -0.73 28.62 43.33
CA PHE D 101 -1.07 27.49 44.17
C PHE D 101 0.19 26.73 44.59
N LEU D 102 1.07 26.44 43.62
CA LEU D 102 2.26 25.64 43.89
C LEU D 102 3.18 26.27 44.93
N LYS D 103 3.32 27.59 44.87
CA LYS D 103 4.24 28.31 45.77
C LYS D 103 3.84 28.20 47.24
N LYS D 104 2.57 27.90 47.50
CA LYS D 104 2.10 27.71 48.88
C LYS D 104 2.55 26.36 49.45
N TRP D 105 2.89 25.42 48.57
CA TRP D 105 3.12 24.05 49.01
C TRP D 105 4.53 23.52 48.77
N VAL D 106 5.13 23.92 47.66
CA VAL D 106 6.43 23.36 47.28
C VAL D 106 7.40 24.47 46.88
N ASN D 107 8.65 24.33 47.30
CA ASN D 107 9.70 25.23 46.85
C ASN D 107 10.07 24.94 45.40
N PRO D 108 10.52 25.95 44.65
CA PRO D 108 10.92 25.75 43.26
C PRO D 108 12.06 24.73 43.06
N LYS D 109 11.95 23.95 42.00
CA LYS D 109 12.98 22.99 41.57
C LYS D 109 13.25 21.90 42.61
N VAL D 110 12.25 21.64 43.45
CA VAL D 110 12.32 20.60 44.47
C VAL D 110 11.76 19.30 43.93
N SER D 111 10.63 19.39 43.24
CA SER D 111 9.92 18.20 42.79
C SER D 111 10.15 17.89 41.33
N PRO D 112 10.38 16.60 41.03
CA PRO D 112 10.29 16.19 39.62
C PRO D 112 8.86 16.32 39.14
N MET D 113 8.66 16.30 37.82
CA MET D 113 7.32 16.37 37.27
C MET D 113 6.68 14.98 37.37
N CYS D 114 5.59 14.88 38.14
CA CYS D 114 4.98 13.57 38.45
C CYS D 114 3.64 13.36 37.75
N GLY D 115 3.45 12.14 37.24
CA GLY D 115 2.20 11.74 36.63
C GLY D 115 2.39 10.59 35.66
N ASN D 116 1.49 10.46 34.70
CA ASN D 116 1.63 9.45 33.65
C ASN D 116 2.03 10.13 32.34
N SER D 117 2.77 9.38 31.51
CA SER D 117 3.26 9.86 30.21
C SER D 117 3.70 11.32 30.30
N ILE D 118 4.58 11.58 31.25
CA ILE D 118 4.84 12.93 31.69
C ILE D 118 5.73 13.68 30.71
N CYS D 119 6.45 12.94 29.85
CA CYS D 119 7.30 13.59 28.86
C CYS D 119 6.47 14.46 27.90
N GLN D 120 5.30 13.96 27.52
N GLN D 120 5.30 13.98 27.50
CA GLN D 120 4.41 14.68 26.63
CA GLN D 120 4.44 14.75 26.60
C GLN D 120 3.93 15.98 27.29
C GLN D 120 3.94 16.01 27.29
N ASP D 121 3.63 15.90 28.58
CA ASP D 121 3.19 17.07 29.35
C ASP D 121 4.30 18.12 29.45
N ARG D 122 5.53 17.68 29.73
CA ARG D 122 6.65 18.60 29.89
C ARG D 122 6.95 19.34 28.59
N ARG D 123 6.90 18.63 27.47
CA ARG D 123 7.16 19.22 26.17
C ARG D 123 6.14 20.33 25.83
N PHE D 124 4.87 20.13 26.19
CA PHE D 124 3.88 21.18 25.98
C PHE D 124 4.11 22.33 26.94
N LEU D 125 4.48 22.01 28.19
CA LEU D 125 4.72 23.06 29.18
C LEU D 125 5.92 23.90 28.78
N HIS D 126 6.94 23.26 28.22
CA HIS D 126 8.15 23.97 27.84
C HIS D 126 7.88 25.03 26.78
N ARG D 127 6.96 24.72 25.86
CA ARG D 127 6.70 25.62 24.75
C ARG D 127 5.66 26.69 25.11
N LEU D 128 4.71 26.34 25.97
CA LEU D 128 3.56 27.19 26.21
C LEU D 128 3.48 27.76 27.63
N MET D 129 4.09 27.08 28.59
CA MET D 129 4.14 27.59 29.97
C MET D 129 5.53 27.40 30.57
N PRO D 130 6.54 28.09 30.00
CA PRO D 130 7.93 27.82 30.39
C PRO D 130 8.24 28.18 31.85
N GLU D 131 7.63 29.23 32.37
CA GLU D 131 7.87 29.60 33.76
C GLU D 131 7.36 28.53 34.71
N LEU D 132 6.23 27.92 34.37
CA LEU D 132 5.70 26.81 35.16
C LEU D 132 6.60 25.60 35.02
N GLU D 133 7.06 25.34 33.81
CA GLU D 133 7.92 24.19 33.55
C GLU D 133 9.20 24.30 34.38
N GLN D 134 9.72 25.51 34.47
CA GLN D 134 10.96 25.77 35.20
C GLN D 134 10.82 25.62 36.71
N TYR D 135 9.58 25.62 37.22
CA TYR D 135 9.34 25.48 38.64
C TYR D 135 9.58 24.04 39.10
N PHE D 136 9.47 23.11 38.14
CA PHE D 136 9.81 21.72 38.39
C PHE D 136 11.32 21.52 38.36
N HIS D 137 11.79 20.51 39.10
CA HIS D 137 13.14 19.99 38.87
C HIS D 137 13.16 19.40 37.46
N TYR D 138 14.34 19.30 36.86
CA TYR D 138 14.40 18.88 35.46
C TYR D 138 14.05 17.41 35.28
N ARG D 139 14.01 16.66 36.37
CA ARG D 139 13.74 15.23 36.27
C ARG D 139 12.25 14.92 36.26
N ASN D 140 11.93 13.71 35.82
CA ASN D 140 10.56 13.27 35.73
C ASN D 140 10.33 12.07 36.64
N LEU D 141 9.11 11.94 37.15
CA LEU D 141 8.71 10.74 37.87
C LEU D 141 7.49 10.21 37.15
N ASP D 142 7.74 9.34 36.18
CA ASP D 142 6.69 8.86 35.30
C ASP D 142 6.18 7.49 35.73
N VAL D 143 4.96 7.45 36.24
CA VAL D 143 4.36 6.21 36.73
C VAL D 143 4.28 5.14 35.63
N SER D 144 4.19 5.56 34.37
CA SER D 144 4.08 4.59 33.28
C SER D 144 5.39 3.81 33.07
N THR D 145 6.51 4.33 33.56
CA THR D 145 7.75 3.55 33.58
C THR D 145 7.58 2.35 34.51
N VAL D 146 6.97 2.57 35.68
CA VAL D 146 6.75 1.48 36.61
C VAL D 146 5.80 0.48 35.97
N LYS D 147 4.80 0.97 35.24
CA LYS D 147 3.86 0.09 34.54
C LYS D 147 4.57 -0.77 33.48
N GLU D 148 5.53 -0.20 32.77
CA GLU D 148 6.29 -0.96 31.78
C GLU D 148 7.01 -2.14 32.44
N LEU D 149 7.54 -1.93 33.65
CA LEU D 149 8.23 -2.98 34.37
C LEU D 149 7.24 -4.01 34.93
N SER D 150 6.12 -3.53 35.45
CA SER D 150 5.12 -4.39 36.07
C SER D 150 4.50 -5.34 35.04
N LYS D 151 4.19 -4.83 33.85
CA LYS D 151 3.63 -5.63 32.77
C LYS D 151 4.51 -6.83 32.44
N ARG D 152 5.81 -6.63 32.55
CA ARG D 152 6.80 -7.63 32.16
C ARG D 152 7.19 -8.58 33.28
N TRP D 153 7.32 -8.05 34.50
CA TRP D 153 7.86 -8.81 35.61
C TRP D 153 6.77 -9.36 36.55
N ARG D 154 5.62 -8.69 36.57
CA ARG D 154 4.50 -9.13 37.40
C ARG D 154 3.17 -9.00 36.66
N PRO D 155 3.01 -9.73 35.55
CA PRO D 155 1.79 -9.59 34.74
C PRO D 155 0.51 -9.93 35.50
N GLU D 156 0.62 -10.75 36.53
CA GLU D 156 -0.57 -11.26 37.22
C GLU D 156 -1.27 -10.22 38.10
N ILE D 157 -0.62 -9.08 38.35
CA ILE D 157 -1.25 -8.06 39.20
C ILE D 157 -1.91 -6.95 38.39
N MET D 158 -1.74 -6.96 37.06
CA MET D 158 -2.22 -5.86 36.24
C MET D 158 -3.76 -5.75 36.20
N SER D 159 -4.45 -6.88 36.34
CA SER D 159 -5.91 -6.88 36.31
C SER D 159 -6.50 -6.13 37.50
N GLY D 160 -5.71 -5.96 38.55
CA GLY D 160 -6.16 -5.27 39.75
C GLY D 160 -6.31 -3.77 39.59
N LEU D 161 -5.71 -3.22 38.54
CA LEU D 161 -5.78 -1.78 38.28
C LEU D 161 -7.16 -1.36 37.76
N LYS D 162 -7.48 -0.07 37.89
CA LYS D 162 -8.78 0.45 37.46
C LYS D 162 -9.04 0.14 35.99
N LYS D 163 -10.29 -0.20 35.68
CA LYS D 163 -10.66 -0.61 34.33
C LYS D 163 -10.50 0.52 33.32
N ASN D 164 -11.43 1.45 33.30
CA ASN D 164 -11.44 2.50 32.29
C ASN D 164 -10.66 3.73 32.72
N ALA D 165 -9.93 4.33 31.78
CA ALA D 165 -9.13 5.53 32.07
C ALA D 165 -9.99 6.79 32.08
N SER D 166 -9.48 7.80 32.77
CA SER D 166 -10.14 9.10 32.84
C SER D 166 -9.98 9.83 31.51
N HIS D 167 -10.88 10.76 31.23
CA HIS D 167 -10.79 11.55 30.02
C HIS D 167 -10.34 12.98 30.32
N LEU D 168 -10.23 13.31 31.62
CA LEU D 168 -9.99 14.68 32.07
C LEU D 168 -8.79 14.79 33.01
N ALA D 169 -8.19 15.98 33.05
CA ALA D 169 -6.90 16.17 33.70
C ALA D 169 -6.88 15.74 35.18
N MET D 170 -7.82 16.24 35.98
CA MET D 170 -7.77 16.01 37.43
C MET D 170 -7.97 14.52 37.78
N ASP D 171 -8.92 13.87 37.13
CA ASP D 171 -9.15 12.45 37.40
C ASP D 171 -7.97 11.61 36.91
N ASP D 172 -7.30 12.09 35.87
CA ASP D 172 -6.10 11.42 35.37
C ASP D 172 -5.00 11.44 36.44
N ILE D 173 -4.80 12.59 37.09
CA ILE D 173 -3.80 12.68 38.16
C ILE D 173 -4.17 11.76 39.31
N ARG D 174 -5.42 11.86 39.76
CA ARG D 174 -5.92 11.03 40.85
C ARG D 174 -5.66 9.55 40.56
N ASP D 175 -5.95 9.14 39.33
CA ASP D 175 -5.72 7.75 38.91
C ASP D 175 -4.24 7.38 38.94
N SER D 176 -3.36 8.28 38.50
CA SER D 176 -1.94 7.96 38.47
C SER D 176 -1.39 7.82 39.90
N ILE D 177 -1.91 8.63 40.83
CA ILE D 177 -1.49 8.53 42.22
C ILE D 177 -1.94 7.20 42.79
N SER D 178 -3.19 6.85 42.49
CA SER D 178 -3.79 5.63 42.93
C SER D 178 -3.05 4.42 42.34
N GLU D 179 -2.64 4.55 41.07
CA GLU D 179 -1.90 3.49 40.40
C GLU D 179 -0.54 3.26 41.06
N LEU D 180 0.16 4.34 41.40
CA LEU D 180 1.47 4.20 42.05
C LEU D 180 1.31 3.60 43.45
N LYS D 181 0.25 3.98 44.17
CA LYS D 181 -0.05 3.41 45.48
C LYS D 181 -0.23 1.90 45.36
N TYR D 182 -0.87 1.48 44.28
CA TYR D 182 -1.08 0.06 44.00
C TYR D 182 0.28 -0.66 43.82
N TYR D 183 1.18 -0.07 43.04
CA TYR D 183 2.51 -0.63 42.85
C TYR D 183 3.29 -0.66 44.16
N ARG D 184 3.12 0.37 44.99
CA ARG D 184 3.83 0.43 46.26
C ARG D 184 3.40 -0.74 47.13
N GLU D 185 2.14 -1.12 47.02
CA GLU D 185 1.59 -2.21 47.80
C GLU D 185 2.07 -3.58 47.30
N TYR D 186 2.10 -3.77 45.98
CA TYR D 186 2.29 -5.11 45.43
C TYR D 186 3.62 -5.34 44.69
N PHE D 187 4.31 -4.27 44.31
CA PHE D 187 5.45 -4.39 43.40
C PHE D 187 6.78 -3.96 44.03
N PHE D 188 6.74 -3.03 44.99
CA PHE D 188 7.97 -2.52 45.60
C PHE D 188 8.25 -3.15 46.95
N ILE D 189 9.55 -3.27 47.27
CA ILE D 189 9.98 -3.74 48.59
C ILE D 189 10.18 -2.51 49.47
N MET D 190 9.28 -2.31 50.42
CA MET D 190 9.28 -1.09 51.22
C MET D 190 10.04 -1.26 52.54
N ASN D 191 10.12 -2.50 53.02
CA ASN D 191 10.82 -2.77 54.27
C ASN D 191 12.33 -2.78 54.06
N HIS E 8 28.54 -14.15 -23.62
CA HIS E 8 27.33 -13.63 -23.00
C HIS E 8 27.49 -13.53 -21.49
N MET E 9 26.80 -12.54 -20.89
CA MET E 9 26.75 -12.44 -19.44
C MET E 9 25.85 -13.54 -18.89
N SER E 10 26.20 -14.07 -17.71
CA SER E 10 25.40 -15.12 -17.10
C SER E 10 24.02 -14.59 -16.75
N SER E 11 23.03 -15.47 -16.76
CA SER E 11 21.63 -15.07 -16.61
C SER E 11 21.28 -14.60 -15.20
N THR E 12 20.21 -13.83 -15.12
CA THR E 12 19.65 -13.40 -13.85
C THR E 12 18.16 -13.69 -13.84
N LEU E 13 17.48 -13.31 -12.77
CA LEU E 13 16.04 -13.47 -12.68
C LEU E 13 15.30 -12.70 -13.79
N ASN E 14 16.00 -11.78 -14.45
CA ASN E 14 15.37 -10.94 -15.47
C ASN E 14 15.80 -11.30 -16.90
N THR E 15 16.62 -12.33 -17.05
CA THR E 15 17.09 -12.70 -18.39
C THR E 15 16.98 -14.21 -18.64
N ARG E 16 15.86 -14.79 -18.23
CA ARG E 16 15.65 -16.23 -18.39
C ARG E 16 14.30 -16.54 -19.04
N LEU E 17 14.14 -17.79 -19.45
CA LEU E 17 12.93 -18.24 -20.16
C LEU E 17 12.18 -19.34 -19.42
N ILE E 18 10.86 -19.19 -19.33
CA ILE E 18 9.99 -20.22 -18.76
C ILE E 18 9.37 -21.05 -19.88
N TRP E 19 9.67 -22.34 -19.90
CA TRP E 19 9.06 -23.26 -20.86
C TRP E 19 7.97 -24.06 -20.17
N ILE E 20 6.86 -24.27 -20.85
CA ILE E 20 5.72 -24.93 -20.22
C ILE E 20 4.92 -25.75 -21.23
N ASP E 21 4.38 -26.87 -20.75
CA ASP E 21 3.41 -27.62 -21.51
C ASP E 21 2.30 -28.14 -20.59
N LEU E 22 1.08 -28.21 -21.13
CA LEU E 22 -0.05 -28.79 -20.42
C LEU E 22 -0.59 -29.97 -21.19
N GLU E 23 -1.13 -30.94 -20.47
CA GLU E 23 -1.93 -31.98 -21.09
C GLU E 23 -3.38 -31.80 -20.60
N MET E 24 -4.32 -31.97 -21.51
CA MET E 24 -5.73 -31.70 -21.20
C MET E 24 -6.61 -32.91 -21.48
N THR E 25 -7.86 -32.85 -20.99
CA THR E 25 -8.82 -33.92 -21.23
C THR E 25 -9.33 -33.90 -22.67
N GLY E 26 -9.11 -32.78 -23.36
CA GLY E 26 -9.57 -32.63 -24.73
C GLY E 26 -9.16 -31.29 -25.32
N LEU E 27 -9.61 -31.02 -26.54
CA LEU E 27 -9.14 -29.86 -27.29
C LEU E 27 -10.02 -28.61 -27.11
N ASP E 28 -11.09 -28.73 -26.34
CA ASP E 28 -12.02 -27.61 -26.15
C ASP E 28 -11.44 -26.59 -25.17
N THR E 29 -10.90 -25.50 -25.70
CA THR E 29 -10.28 -24.46 -24.89
C THR E 29 -11.27 -23.75 -23.98
N ASP E 30 -12.56 -23.98 -24.18
CA ASP E 30 -13.59 -23.34 -23.38
C ASP E 30 -14.10 -24.22 -22.23
N ASN E 31 -13.85 -25.52 -22.28
CA ASN E 31 -14.53 -26.45 -21.37
C ASN E 31 -13.65 -27.54 -20.75
N ASP E 32 -12.65 -28.02 -21.49
CA ASP E 32 -11.83 -29.12 -21.01
C ASP E 32 -10.92 -28.73 -19.83
N GLN E 33 -10.36 -29.74 -19.17
CA GLN E 33 -9.57 -29.53 -17.96
C GLN E 33 -8.09 -29.88 -18.14
N ILE E 34 -7.24 -29.26 -17.34
CA ILE E 34 -5.82 -29.60 -17.28
C ILE E 34 -5.62 -30.83 -16.40
N ILE E 35 -4.88 -31.82 -16.89
CA ILE E 35 -4.60 -33.03 -16.13
C ILE E 35 -3.11 -33.23 -15.89
N GLU E 36 -2.27 -32.53 -16.64
CA GLU E 36 -0.83 -32.56 -16.39
C GLU E 36 -0.16 -31.23 -16.71
N ILE E 37 0.83 -30.84 -15.90
CA ILE E 37 1.60 -29.63 -16.14
C ILE E 37 3.08 -29.88 -15.87
N ALA E 38 3.94 -29.28 -16.69
CA ALA E 38 5.38 -29.34 -16.48
C ALA E 38 6.01 -28.01 -16.88
N THR E 39 7.15 -27.69 -16.28
CA THR E 39 7.91 -26.50 -16.65
C THR E 39 9.40 -26.78 -16.69
N ILE E 40 10.12 -25.96 -17.45
CA ILE E 40 11.59 -26.01 -17.52
C ILE E 40 12.10 -24.56 -17.60
N ILE E 41 13.22 -24.29 -16.92
CA ILE E 41 13.87 -22.98 -16.99
C ILE E 41 15.14 -23.05 -17.85
N THR E 42 15.24 -22.18 -18.85
CA THR E 42 16.50 -21.99 -19.56
C THR E 42 16.98 -20.55 -19.43
N ASP E 43 18.19 -20.25 -19.87
CA ASP E 43 18.58 -18.86 -20.03
C ASP E 43 18.22 -18.44 -21.46
N ASP E 44 18.54 -17.20 -21.84
CA ASP E 44 18.21 -16.70 -23.16
C ASP E 44 18.95 -17.44 -24.27
N HIS E 45 19.94 -18.26 -23.91
CA HIS E 45 20.70 -19.00 -24.91
C HIS E 45 20.51 -20.50 -24.74
N LEU E 46 19.39 -20.86 -24.13
CA LEU E 46 18.85 -22.24 -24.11
C LEU E 46 19.65 -23.22 -23.26
N ASN E 47 20.52 -22.72 -22.38
CA ASN E 47 21.09 -23.57 -21.35
C ASN E 47 20.00 -23.91 -20.34
N VAL E 48 19.77 -25.20 -20.12
CA VAL E 48 18.78 -25.65 -19.17
C VAL E 48 19.27 -25.44 -17.75
N LEU E 49 18.54 -24.66 -16.97
CA LEU E 49 18.99 -24.31 -15.63
C LEU E 49 18.34 -25.20 -14.56
N ALA E 50 17.11 -25.62 -14.81
CA ALA E 50 16.36 -26.46 -13.88
C ALA E 50 15.09 -26.99 -14.53
N GLU E 51 14.74 -28.24 -14.22
CA GLU E 51 13.46 -28.79 -14.61
C GLU E 51 12.49 -28.65 -13.45
N GLY E 52 11.30 -28.13 -13.73
CA GLY E 52 10.30 -27.89 -12.70
C GLY E 52 9.52 -29.14 -12.31
N PRO E 53 8.53 -28.97 -11.42
CA PRO E 53 7.72 -30.09 -10.96
C PRO E 53 6.79 -30.63 -12.05
N VAL E 54 6.70 -31.95 -12.15
CA VAL E 54 5.73 -32.62 -13.00
C VAL E 54 4.51 -32.97 -12.16
N LEU E 55 3.36 -32.38 -12.48
CA LEU E 55 2.17 -32.57 -11.64
C LEU E 55 0.97 -33.08 -12.42
N ALA E 56 0.38 -34.18 -11.94
CA ALA E 56 -0.90 -34.65 -12.45
C ALA E 56 -2.02 -34.03 -11.61
N ILE E 57 -3.06 -33.56 -12.28
N ILE E 57 -3.05 -33.55 -12.28
CA ILE E 57 -4.17 -32.92 -11.59
CA ILE E 57 -4.18 -32.91 -11.61
C ILE E 57 -5.36 -33.87 -11.54
C ILE E 57 -5.35 -33.88 -11.54
N HIS E 58 -5.88 -34.10 -10.34
CA HIS E 58 -6.98 -35.03 -10.15
C HIS E 58 -8.26 -34.54 -10.82
N GLN E 59 -8.94 -35.47 -11.47
CA GLN E 59 -10.27 -35.22 -12.02
C GLN E 59 -11.18 -36.37 -11.64
N PRO E 60 -12.47 -36.08 -11.38
CA PRO E 60 -13.43 -37.15 -11.11
C PRO E 60 -13.63 -38.03 -12.33
N ASP E 61 -14.21 -39.22 -12.14
CA ASP E 61 -14.37 -40.17 -13.24
C ASP E 61 -15.39 -39.69 -14.26
N ARG E 62 -16.34 -38.87 -13.84
CA ARG E 62 -17.31 -38.27 -14.74
C ARG E 62 -16.61 -37.47 -15.83
N ILE E 63 -15.54 -36.78 -15.44
CA ILE E 63 -14.77 -35.99 -16.39
C ILE E 63 -13.87 -36.89 -17.23
N LEU E 64 -13.30 -37.92 -16.60
CA LEU E 64 -12.41 -38.83 -17.31
C LEU E 64 -13.16 -39.72 -18.30
N ASN E 65 -14.39 -40.09 -17.96
CA ASN E 65 -15.20 -40.95 -18.83
C ASN E 65 -15.69 -40.21 -20.08
N ALA E 66 -15.81 -38.89 -19.96
CA ALA E 66 -16.28 -38.05 -21.07
C ALA E 66 -15.21 -37.81 -22.14
N MET E 67 -13.96 -38.15 -21.84
CA MET E 67 -12.88 -38.02 -22.82
C MET E 67 -13.13 -38.92 -24.03
N ASP E 68 -12.86 -38.41 -25.23
CA ASP E 68 -13.11 -39.18 -26.46
C ASP E 68 -12.13 -40.35 -26.59
N GLU E 69 -12.33 -41.18 -27.60
CA GLU E 69 -11.50 -42.37 -27.84
C GLU E 69 -10.03 -42.00 -27.98
N TRP E 70 -9.76 -40.87 -28.61
CA TRP E 70 -8.39 -40.47 -28.88
C TRP E 70 -7.64 -40.07 -27.60
N ASN E 71 -8.28 -39.28 -26.74
CA ASN E 71 -7.65 -38.91 -25.48
C ASN E 71 -7.59 -40.10 -24.52
N THR E 72 -8.57 -40.99 -24.60
CA THR E 72 -8.54 -42.20 -23.76
C THR E 72 -7.41 -43.12 -24.21
N ARG E 73 -7.21 -43.24 -25.52
CA ARG E 73 -6.07 -43.96 -26.07
C ARG E 73 -4.74 -43.37 -25.58
N GLN E 74 -4.58 -42.08 -25.81
CA GLN E 74 -3.36 -41.35 -25.51
C GLN E 74 -2.94 -41.43 -24.04
N HIS E 75 -3.82 -40.98 -23.16
CA HIS E 75 -3.46 -40.83 -21.75
C HIS E 75 -3.59 -42.15 -20.99
N GLY E 76 -4.23 -43.13 -21.63
CA GLY E 76 -4.30 -44.47 -21.07
C GLY E 76 -2.95 -45.15 -21.16
N GLN E 77 -2.43 -45.26 -22.38
CA GLN E 77 -1.16 -45.94 -22.62
C GLN E 77 0.02 -45.21 -21.96
N SER E 78 -0.08 -43.90 -21.82
CA SER E 78 1.02 -43.11 -21.27
C SER E 78 1.12 -43.24 -19.76
N GLY E 79 0.06 -43.74 -19.13
CA GLY E 79 0.03 -43.89 -17.69
C GLY E 79 -0.48 -42.67 -16.97
N LEU E 80 -0.91 -41.66 -17.74
CA LEU E 80 -1.36 -40.40 -17.15
C LEU E 80 -2.69 -40.55 -16.42
N ILE E 81 -3.58 -41.38 -16.97
CA ILE E 81 -4.89 -41.59 -16.36
C ILE E 81 -4.78 -42.18 -14.97
N GLU E 82 -3.85 -43.12 -14.79
CA GLU E 82 -3.65 -43.73 -13.46
C GLU E 82 -3.08 -42.71 -12.47
N ARG E 83 -2.18 -41.86 -12.95
CA ARG E 83 -1.59 -40.81 -12.11
C ARG E 83 -2.64 -39.78 -11.70
N VAL E 84 -3.55 -39.48 -12.63
CA VAL E 84 -4.62 -38.52 -12.37
C VAL E 84 -5.59 -39.05 -11.33
N ARG E 85 -5.91 -40.33 -11.41
CA ARG E 85 -6.89 -40.92 -10.51
C ARG E 85 -6.42 -40.88 -9.06
N ARG E 86 -5.15 -41.23 -8.85
CA ARG E 86 -4.63 -41.31 -7.49
C ARG E 86 -4.05 -39.98 -7.01
N SER E 87 -3.99 -39.00 -7.90
CA SER E 87 -3.54 -37.66 -7.51
C SER E 87 -4.53 -37.02 -6.55
N LYS E 88 -4.02 -36.20 -5.64
CA LYS E 88 -4.88 -35.49 -4.69
C LYS E 88 -4.75 -33.98 -4.90
N LEU E 89 -4.08 -33.60 -5.99
CA LEU E 89 -3.86 -32.19 -6.29
C LEU E 89 -5.01 -31.58 -7.07
N THR E 90 -5.45 -30.40 -6.64
CA THR E 90 -6.36 -29.60 -7.45
C THR E 90 -5.55 -28.77 -8.44
N ALA E 91 -6.24 -28.11 -9.37
CA ALA E 91 -5.61 -27.18 -10.29
C ALA E 91 -4.89 -26.07 -9.52
N ARG E 92 -5.52 -25.59 -8.45
CA ARG E 92 -4.93 -24.55 -7.60
C ARG E 92 -3.63 -25.02 -6.95
N ASP E 93 -3.63 -26.25 -6.43
CA ASP E 93 -2.41 -26.82 -5.84
C ASP E 93 -1.29 -26.83 -6.87
N ALA E 94 -1.58 -27.37 -8.05
CA ALA E 94 -0.59 -27.48 -9.11
C ALA E 94 -0.08 -26.10 -9.50
N GLU E 95 -1.00 -25.15 -9.58
CA GLU E 95 -0.67 -23.77 -9.90
C GLU E 95 0.28 -23.16 -8.86
N LEU E 96 -0.05 -23.33 -7.58
CA LEU E 96 0.76 -22.75 -6.50
C LEU E 96 2.14 -23.40 -6.46
N GLN E 97 2.19 -24.72 -6.62
CA GLN E 97 3.45 -25.45 -6.58
C GLN E 97 4.34 -25.05 -7.77
N THR E 98 3.73 -24.75 -8.90
CA THR E 98 4.49 -24.33 -10.07
C THR E 98 5.05 -22.92 -9.87
N LEU E 99 4.19 -22.00 -9.42
CA LEU E 99 4.61 -20.63 -9.10
C LEU E 99 5.74 -20.61 -8.09
N GLU E 100 5.64 -21.45 -7.07
CA GLU E 100 6.67 -21.57 -6.05
C GLU E 100 8.03 -21.85 -6.69
N PHE E 101 8.04 -22.78 -7.65
CA PHE E 101 9.25 -23.11 -8.38
C PHE E 101 9.74 -21.93 -9.22
N LEU E 102 8.82 -21.33 -9.99
CA LEU E 102 9.19 -20.27 -10.93
C LEU E 102 9.83 -19.06 -10.25
N LYS E 103 9.29 -18.67 -9.09
CA LYS E 103 9.78 -17.50 -8.38
C LYS E 103 11.25 -17.64 -7.94
N LYS E 104 11.73 -18.88 -7.83
CA LYS E 104 13.13 -19.11 -7.49
C LYS E 104 14.05 -18.84 -8.68
N TRP E 105 13.48 -18.83 -9.88
CA TRP E 105 14.31 -18.80 -11.09
C TRP E 105 14.10 -17.56 -11.98
N VAL E 106 12.87 -17.11 -12.09
CA VAL E 106 12.53 -16.00 -12.99
C VAL E 106 11.62 -15.00 -12.27
N ASN E 107 11.80 -13.71 -12.55
CA ASN E 107 10.91 -12.69 -11.99
C ASN E 107 9.61 -12.65 -12.79
N PRO E 108 8.53 -12.12 -12.18
CA PRO E 108 7.22 -12.09 -12.87
C PRO E 108 7.21 -11.19 -14.10
N LYS E 109 6.47 -11.60 -15.13
CA LYS E 109 6.24 -10.81 -16.34
C LYS E 109 7.53 -10.52 -17.10
N VAL E 110 8.51 -11.40 -16.95
CA VAL E 110 9.80 -11.24 -17.59
C VAL E 110 9.88 -12.10 -18.84
N SER E 111 9.48 -13.35 -18.71
CA SER E 111 9.59 -14.31 -19.80
C SER E 111 8.33 -14.46 -20.62
N PRO E 112 8.47 -14.48 -21.95
CA PRO E 112 7.34 -14.92 -22.77
C PRO E 112 7.05 -16.39 -22.49
N MET E 113 5.86 -16.84 -22.83
CA MET E 113 5.49 -18.25 -22.64
C MET E 113 6.14 -19.08 -23.76
N CYS E 114 7.04 -20.00 -23.39
CA CYS E 114 7.83 -20.73 -24.38
C CYS E 114 7.43 -22.19 -24.51
N GLY E 115 7.40 -22.68 -25.76
CA GLY E 115 7.17 -24.09 -26.02
C GLY E 115 6.58 -24.32 -27.40
N ASN E 116 5.82 -25.40 -27.55
CA ASN E 116 5.14 -25.69 -28.81
C ASN E 116 3.63 -25.52 -28.61
N SER E 117 2.94 -25.07 -29.66
CA SER E 117 1.51 -24.81 -29.63
C SER E 117 1.10 -24.06 -28.37
N ILE E 118 1.75 -22.93 -28.16
CA ILE E 118 1.68 -22.19 -26.90
C ILE E 118 0.34 -21.48 -26.73
N CYS E 119 -0.25 -21.08 -27.84
CA CYS E 119 -1.54 -20.40 -27.77
C CYS E 119 -2.57 -21.25 -27.05
N GLN E 120 -2.59 -22.55 -27.35
CA GLN E 120 -3.47 -23.51 -26.70
C GLN E 120 -3.19 -23.60 -25.19
N ASP E 121 -1.92 -23.62 -24.82
CA ASP E 121 -1.54 -23.65 -23.41
C ASP E 121 -1.97 -22.36 -22.71
N ARG E 122 -1.75 -21.21 -23.34
CA ARG E 122 -2.10 -19.94 -22.72
C ARG E 122 -3.61 -19.85 -22.50
N ARG E 123 -4.38 -20.34 -23.45
CA ARG E 123 -5.85 -20.29 -23.33
C ARG E 123 -6.34 -21.16 -22.19
N PHE E 124 -5.75 -22.35 -22.02
CA PHE E 124 -6.16 -23.20 -20.91
C PHE E 124 -5.69 -22.60 -19.58
N LEU E 125 -4.50 -22.02 -19.58
CA LEU E 125 -3.99 -21.37 -18.38
C LEU E 125 -4.87 -20.20 -17.97
N HIS E 126 -5.24 -19.37 -18.94
CA HIS E 126 -6.04 -18.18 -18.67
C HIS E 126 -7.33 -18.52 -17.92
N ARG E 127 -7.91 -19.67 -18.25
CA ARG E 127 -9.22 -20.05 -17.72
C ARG E 127 -9.12 -20.80 -16.39
N LEU E 128 -8.11 -21.65 -16.25
CA LEU E 128 -8.03 -22.55 -15.12
C LEU E 128 -6.90 -22.19 -14.13
N MET E 129 -5.87 -21.52 -14.62
CA MET E 129 -4.79 -21.07 -13.74
C MET E 129 -4.37 -19.64 -14.02
N PRO E 130 -5.28 -18.67 -13.80
CA PRO E 130 -5.01 -17.31 -14.25
C PRO E 130 -3.82 -16.65 -13.55
N GLU E 131 -3.56 -16.98 -12.29
CA GLU E 131 -2.41 -16.39 -11.59
C GLU E 131 -1.10 -16.83 -12.26
N LEU E 132 -1.00 -18.12 -12.60
CA LEU E 132 0.18 -18.62 -13.30
C LEU E 132 0.30 -17.95 -14.68
N GLU E 133 -0.81 -17.81 -15.38
CA GLU E 133 -0.81 -17.21 -16.71
C GLU E 133 -0.28 -15.77 -16.67
N GLN E 134 -0.59 -15.05 -15.60
CA GLN E 134 -0.18 -13.66 -15.46
C GLN E 134 1.27 -13.51 -15.02
N TYR E 135 1.89 -14.60 -14.58
CA TYR E 135 3.30 -14.57 -14.20
C TYR E 135 4.20 -14.45 -15.44
N PHE E 136 3.68 -14.87 -16.59
CA PHE E 136 4.38 -14.71 -17.86
C PHE E 136 4.26 -13.29 -18.40
N HIS E 137 5.20 -12.90 -19.25
CA HIS E 137 5.02 -11.75 -20.11
C HIS E 137 3.87 -12.08 -21.05
N TYR E 138 3.21 -11.07 -21.61
CA TYR E 138 2.04 -11.33 -22.44
C TYR E 138 2.41 -11.91 -23.81
N ARG E 139 3.69 -11.80 -24.17
CA ARG E 139 4.16 -12.32 -25.46
C ARG E 139 4.44 -13.82 -25.41
N ASN E 140 4.48 -14.43 -26.59
CA ASN E 140 4.71 -15.87 -26.71
C ASN E 140 5.98 -16.16 -27.51
N LEU E 141 6.54 -17.34 -27.29
CA LEU E 141 7.64 -17.83 -28.11
C LEU E 141 7.29 -19.27 -28.49
N ASP E 142 6.71 -19.42 -29.68
CA ASP E 142 6.17 -20.70 -30.11
C ASP E 142 7.08 -21.31 -31.18
N VAL E 143 7.72 -22.41 -30.82
CA VAL E 143 8.69 -23.05 -31.69
C VAL E 143 8.04 -23.51 -33.01
N SER E 144 6.75 -23.81 -32.98
CA SER E 144 6.09 -24.31 -34.18
C SER E 144 6.00 -23.24 -35.26
N THR E 145 6.15 -21.97 -34.88
CA THR E 145 6.25 -20.89 -35.86
C THR E 145 7.52 -21.06 -36.69
N VAL E 146 8.62 -21.39 -36.02
CA VAL E 146 9.89 -21.60 -36.71
C VAL E 146 9.79 -22.85 -37.59
N LYS E 147 9.10 -23.87 -37.11
CA LYS E 147 8.90 -25.09 -37.88
C LYS E 147 8.13 -24.81 -39.16
N GLU E 148 7.11 -23.95 -39.07
CA GLU E 148 6.34 -23.55 -40.25
C GLU E 148 7.22 -22.88 -41.29
N LEU E 149 8.16 -22.05 -40.83
CA LEU E 149 9.07 -21.36 -41.72
C LEU E 149 10.10 -22.35 -42.31
N SER E 150 10.61 -23.24 -41.47
CA SER E 150 11.63 -24.18 -41.87
C SER E 150 11.11 -25.17 -42.91
N LYS E 151 9.85 -25.57 -42.77
CA LYS E 151 9.22 -26.51 -43.70
C LYS E 151 9.20 -25.95 -45.12
N ARG E 152 9.02 -24.64 -45.23
CA ARG E 152 8.86 -23.99 -46.53
C ARG E 152 10.21 -23.54 -47.10
N TRP E 153 11.12 -23.12 -46.23
CA TRP E 153 12.36 -22.48 -46.66
C TRP E 153 13.55 -23.44 -46.63
N ARG E 154 13.53 -24.41 -45.72
CA ARG E 154 14.60 -25.40 -45.61
C ARG E 154 14.05 -26.81 -45.47
N PRO E 155 13.30 -27.29 -46.47
CA PRO E 155 12.64 -28.60 -46.37
C PRO E 155 13.61 -29.74 -46.09
N GLU E 156 14.86 -29.60 -46.51
CA GLU E 156 15.82 -30.71 -46.47
C GLU E 156 16.40 -30.97 -45.08
N ILE E 157 16.15 -30.07 -44.13
CA ILE E 157 16.68 -30.25 -42.78
C ILE E 157 15.65 -30.86 -41.84
N MET E 158 14.41 -30.99 -42.32
CA MET E 158 13.32 -31.44 -41.46
C MET E 158 13.44 -32.90 -41.03
N SER E 159 14.05 -33.73 -41.88
CA SER E 159 14.20 -35.16 -41.57
C SER E 159 15.18 -35.37 -40.41
N GLY E 160 15.95 -34.35 -40.08
CA GLY E 160 16.88 -34.42 -38.96
C GLY E 160 16.26 -34.34 -37.58
N LEU E 161 14.98 -33.98 -37.51
CA LEU E 161 14.29 -33.87 -36.23
C LEU E 161 13.93 -35.25 -35.66
N LYS E 162 13.69 -35.30 -34.36
CA LYS E 162 13.34 -36.53 -33.66
C LYS E 162 12.00 -37.10 -34.12
N HIS E 167 5.85 -39.28 -24.38
CA HIS E 167 5.09 -38.11 -24.83
C HIS E 167 4.25 -37.53 -23.69
N LEU E 168 4.89 -37.37 -22.53
CA LEU E 168 4.28 -36.68 -21.40
C LEU E 168 4.62 -35.20 -21.48
N ALA E 169 3.98 -34.39 -20.64
CA ALA E 169 4.22 -32.94 -20.63
C ALA E 169 5.72 -32.60 -20.61
N MET E 170 6.47 -33.23 -19.71
CA MET E 170 7.88 -32.92 -19.56
C MET E 170 8.68 -33.33 -20.81
N ASP E 171 8.34 -34.49 -21.39
CA ASP E 171 8.98 -34.93 -22.64
C ASP E 171 8.72 -33.96 -23.77
N ASP E 172 7.53 -33.35 -23.75
CA ASP E 172 7.10 -32.43 -24.80
C ASP E 172 7.95 -31.16 -24.76
N ILE E 173 8.20 -30.65 -23.56
CA ILE E 173 9.04 -29.47 -23.37
C ILE E 173 10.48 -29.74 -23.80
N ARG E 174 11.03 -30.86 -23.33
CA ARG E 174 12.39 -31.26 -23.71
C ARG E 174 12.52 -31.29 -25.23
N ASP E 175 11.52 -31.86 -25.90
CA ASP E 175 11.53 -31.98 -27.35
C ASP E 175 11.49 -30.62 -28.03
N SER E 176 10.72 -29.69 -27.46
CA SER E 176 10.61 -28.37 -28.07
C SER E 176 11.91 -27.59 -27.89
N ILE E 177 12.61 -27.81 -26.78
CA ILE E 177 13.89 -27.14 -26.55
C ILE E 177 14.95 -27.70 -27.52
N SER E 178 14.98 -29.02 -27.67
N SER E 178 14.98 -29.02 -27.68
CA SER E 178 15.91 -29.67 -28.58
CA SER E 178 15.95 -29.63 -28.60
C SER E 178 15.63 -29.23 -30.02
C SER E 178 15.64 -29.26 -30.04
N GLU E 179 14.35 -29.10 -30.34
CA GLU E 179 13.93 -28.68 -31.67
C GLU E 179 14.44 -27.27 -31.96
N LEU E 180 14.29 -26.36 -30.99
CA LEU E 180 14.77 -24.99 -31.19
C LEU E 180 16.30 -24.95 -31.32
N LYS E 181 17.00 -25.80 -30.57
CA LYS E 181 18.46 -25.88 -30.67
C LYS E 181 18.86 -26.36 -32.06
N TYR E 182 18.09 -27.29 -32.61
CA TYR E 182 18.33 -27.79 -33.96
C TYR E 182 18.19 -26.65 -34.98
N TYR E 183 17.15 -25.83 -34.83
CA TYR E 183 16.97 -24.69 -35.72
C TYR E 183 18.08 -23.66 -35.54
N ARG E 184 18.54 -23.49 -34.31
CA ARG E 184 19.63 -22.55 -34.05
C ARG E 184 20.87 -23.01 -34.80
N GLU E 185 21.07 -24.32 -34.82
CA GLU E 185 22.22 -24.93 -35.47
C GLU E 185 22.21 -24.74 -37.00
N TYR E 186 21.04 -24.88 -37.62
CA TYR E 186 20.98 -24.99 -39.08
C TYR E 186 20.21 -23.89 -39.80
N PHE E 187 19.39 -23.14 -39.07
CA PHE E 187 18.40 -22.27 -39.70
C PHE E 187 18.63 -20.79 -39.36
N PHE E 188 19.38 -20.52 -38.28
CA PHE E 188 19.57 -19.15 -37.82
C PHE E 188 21.02 -18.69 -38.01
N ILE E 189 21.18 -17.44 -38.41
CA ILE E 189 22.48 -16.78 -38.47
C ILE E 189 22.80 -16.24 -37.08
N MET E 190 23.84 -16.78 -36.45
CA MET E 190 24.12 -16.47 -35.05
C MET E 190 25.26 -15.47 -34.86
N ASN E 191 26.03 -15.22 -35.91
CA ASN E 191 27.12 -14.26 -35.83
C ASN E 191 27.30 -13.51 -37.15
N SER F 10 5.67 -21.36 -59.32
CA SER F 10 4.41 -20.68 -59.05
C SER F 10 3.65 -21.36 -57.91
N SER F 11 2.81 -20.60 -57.23
CA SER F 11 2.06 -21.11 -56.08
C SER F 11 0.69 -21.64 -56.50
N THR F 12 0.10 -22.48 -55.65
CA THR F 12 -1.23 -23.02 -55.87
C THR F 12 -2.13 -22.79 -54.67
N LEU F 13 -3.37 -23.26 -54.77
CA LEU F 13 -4.34 -23.15 -53.69
C LEU F 13 -3.89 -23.89 -52.42
N ASN F 14 -2.92 -24.78 -52.56
CA ASN F 14 -2.44 -25.57 -51.43
C ASN F 14 -1.05 -25.15 -50.94
N THR F 15 -0.49 -24.10 -51.54
CA THR F 15 0.83 -23.63 -51.14
C THR F 15 0.86 -22.11 -50.96
N ARG F 16 -0.15 -21.58 -50.27
CA ARG F 16 -0.23 -20.15 -50.03
C ARG F 16 -0.49 -19.87 -48.55
N LEU F 17 -0.21 -18.64 -48.14
CA LEU F 17 -0.37 -18.23 -46.74
C LEU F 17 -1.47 -17.18 -46.61
N ILE F 18 -2.31 -17.35 -45.59
CA ILE F 18 -3.30 -16.33 -45.25
C ILE F 18 -2.80 -15.50 -44.09
N TRP F 19 -2.55 -14.22 -44.34
CA TRP F 19 -2.20 -13.28 -43.29
C TRP F 19 -3.44 -12.52 -42.85
N ILE F 20 -3.54 -12.23 -41.55
CA ILE F 20 -4.74 -11.60 -41.03
C ILE F 20 -4.41 -10.72 -39.82
N ASP F 21 -5.15 -9.62 -39.68
CA ASP F 21 -5.11 -8.86 -38.43
C ASP F 21 -6.49 -8.33 -38.07
N LEU F 22 -6.75 -8.25 -36.76
CA LEU F 22 -7.99 -7.69 -36.24
C LEU F 22 -7.71 -6.47 -35.39
N GLU F 23 -8.66 -5.54 -35.34
CA GLU F 23 -8.64 -4.48 -34.35
C GLU F 23 -9.84 -4.66 -33.43
N MET F 24 -9.64 -4.47 -32.13
CA MET F 24 -10.68 -4.73 -31.15
C MET F 24 -11.00 -3.51 -30.31
N THR F 25 -12.08 -3.58 -29.55
CA THR F 25 -12.49 -2.49 -28.68
C THR F 25 -11.67 -2.51 -27.39
N GLY F 26 -10.86 -3.54 -27.21
CA GLY F 26 -10.03 -3.69 -26.03
C GLY F 26 -9.20 -4.96 -26.03
N LEU F 27 -8.58 -5.24 -24.89
CA LEU F 27 -7.64 -6.34 -24.77
C LEU F 27 -8.28 -7.62 -24.20
N ASP F 28 -9.51 -7.51 -23.73
CA ASP F 28 -10.20 -8.66 -23.12
C ASP F 28 -10.66 -9.65 -24.19
N THR F 29 -10.01 -10.81 -24.25
CA THR F 29 -10.32 -11.83 -25.26
C THR F 29 -11.64 -12.53 -24.96
N ASP F 30 -12.18 -12.32 -23.77
CA ASP F 30 -13.44 -12.96 -23.40
C ASP F 30 -14.67 -12.10 -23.65
N ASN F 31 -14.49 -10.79 -23.82
CA ASN F 31 -15.63 -9.88 -23.81
C ASN F 31 -15.66 -8.83 -24.93
N ASP F 32 -14.49 -8.33 -25.31
CA ASP F 32 -14.43 -7.22 -26.25
C ASP F 32 -14.81 -7.64 -27.68
N GLN F 33 -15.02 -6.65 -28.55
CA GLN F 33 -15.54 -6.91 -29.89
C GLN F 33 -14.52 -6.56 -30.97
N ILE F 34 -14.68 -7.16 -32.14
CA ILE F 34 -13.89 -6.84 -33.32
C ILE F 34 -14.49 -5.63 -34.04
N ILE F 35 -13.66 -4.63 -34.32
CA ILE F 35 -14.12 -3.45 -35.05
C ILE F 35 -13.47 -3.31 -36.42
N GLU F 36 -12.45 -4.11 -36.69
CA GLU F 36 -11.79 -4.09 -38.00
C GLU F 36 -11.13 -5.42 -38.33
N ILE F 37 -11.20 -5.82 -39.59
CA ILE F 37 -10.53 -7.03 -40.05
C ILE F 37 -9.88 -6.79 -41.40
N ALA F 38 -8.70 -7.38 -41.60
CA ALA F 38 -8.03 -7.34 -42.88
C ALA F 38 -7.34 -8.66 -43.17
N THR F 39 -7.13 -8.96 -44.45
CA THR F 39 -6.43 -10.17 -44.85
C THR F 39 -5.53 -9.89 -46.04
N ILE F 40 -4.44 -10.65 -46.14
CA ILE F 40 -3.55 -10.62 -47.28
C ILE F 40 -3.16 -12.06 -47.63
N ILE F 41 -3.12 -12.36 -48.92
CA ILE F 41 -2.62 -13.64 -49.40
C ILE F 41 -1.20 -13.47 -49.92
N THR F 42 -0.27 -14.30 -49.43
CA THR F 42 1.06 -14.39 -50.03
C THR F 42 1.34 -15.84 -50.44
N ASP F 43 2.38 -16.07 -51.22
CA ASP F 43 2.85 -17.44 -51.44
C ASP F 43 3.80 -17.81 -50.29
N ASP F 44 4.35 -19.02 -50.33
CA ASP F 44 5.23 -19.50 -49.26
C ASP F 44 6.54 -18.70 -49.19
N HIS F 45 6.74 -17.77 -50.13
CA HIS F 45 7.95 -16.97 -50.15
C HIS F 45 7.62 -15.48 -49.97
N LEU F 46 6.44 -15.22 -49.43
CA LEU F 46 6.04 -13.89 -48.97
C LEU F 46 5.80 -12.89 -50.11
N ASN F 47 5.64 -13.39 -51.33
CA ASN F 47 5.21 -12.55 -52.44
C ASN F 47 3.71 -12.24 -52.29
N VAL F 48 3.35 -10.97 -52.25
CA VAL F 48 1.95 -10.60 -52.09
C VAL F 48 1.17 -10.91 -53.36
N LEU F 49 0.18 -11.80 -53.25
CA LEU F 49 -0.61 -12.19 -54.41
C LEU F 49 -1.89 -11.38 -54.52
N ALA F 50 -2.46 -11.04 -53.37
CA ALA F 50 -3.71 -10.30 -53.32
C ALA F 50 -4.00 -9.80 -51.91
N GLU F 51 -4.55 -8.59 -51.82
CA GLU F 51 -5.01 -8.06 -50.55
C GLU F 51 -6.51 -8.23 -50.45
N GLY F 52 -6.98 -8.68 -49.29
CA GLY F 52 -8.40 -8.91 -49.07
C GLY F 52 -9.15 -7.67 -48.62
N PRO F 53 -10.45 -7.82 -48.38
CA PRO F 53 -11.32 -6.70 -48.00
C PRO F 53 -11.00 -6.15 -46.61
N VAL F 54 -10.91 -4.82 -46.52
CA VAL F 54 -10.77 -4.13 -45.25
C VAL F 54 -12.16 -3.73 -44.77
N LEU F 55 -12.60 -4.31 -43.66
CA LEU F 55 -13.98 -4.15 -43.22
C LEU F 55 -14.09 -3.61 -41.80
N ALA F 56 -14.87 -2.54 -41.64
CA ALA F 56 -15.14 -1.96 -40.34
C ALA F 56 -16.48 -2.47 -39.81
N ILE F 57 -16.42 -3.12 -38.65
CA ILE F 57 -17.62 -3.71 -38.05
C ILE F 57 -18.31 -2.68 -37.17
N HIS F 58 -19.62 -2.53 -37.36
CA HIS F 58 -20.39 -1.56 -36.60
C HIS F 58 -20.55 -1.96 -35.14
N GLN F 59 -20.38 -0.99 -34.24
CA GLN F 59 -20.66 -1.17 -32.81
C GLN F 59 -21.45 0.04 -32.31
N PRO F 60 -22.45 -0.21 -31.45
CA PRO F 60 -23.26 0.87 -30.88
C PRO F 60 -22.42 1.84 -30.05
N ASP F 61 -22.90 3.07 -29.87
CA ASP F 61 -22.13 4.10 -29.17
C ASP F 61 -21.84 3.72 -27.72
N ARG F 62 -22.68 2.89 -27.13
CA ARG F 62 -22.47 2.48 -25.74
C ARG F 62 -21.25 1.58 -25.61
N ILE F 63 -21.00 0.76 -26.63
CA ILE F 63 -19.83 -0.11 -26.65
C ILE F 63 -18.59 0.75 -26.89
N LEU F 64 -18.71 1.71 -27.80
CA LEU F 64 -17.59 2.60 -28.13
C LEU F 64 -17.20 3.51 -26.97
N ASN F 65 -18.18 3.94 -26.18
CA ASN F 65 -17.89 4.78 -25.03
C ASN F 65 -17.34 3.96 -23.87
N ALA F 66 -17.39 2.64 -23.99
CA ALA F 66 -16.89 1.75 -22.95
C ALA F 66 -15.42 1.42 -23.14
N MET F 67 -14.85 1.83 -24.28
CA MET F 67 -13.43 1.66 -24.54
C MET F 67 -12.60 2.60 -23.64
N ASP F 68 -11.37 2.20 -23.33
CA ASP F 68 -10.51 3.02 -22.48
C ASP F 68 -9.85 4.14 -23.27
N GLU F 69 -9.19 5.05 -22.56
CA GLU F 69 -8.67 6.28 -23.13
C GLU F 69 -7.69 6.07 -24.30
N TRP F 70 -6.72 5.17 -24.14
CA TRP F 70 -5.69 5.02 -25.15
C TRP F 70 -6.21 4.33 -26.42
N ASN F 71 -7.25 3.51 -26.28
CA ASN F 71 -7.86 2.87 -27.43
C ASN F 71 -8.68 3.87 -28.23
N THR F 72 -9.35 4.77 -27.53
CA THR F 72 -10.16 5.79 -28.18
C THR F 72 -9.27 6.77 -28.93
N ARG F 73 -8.14 7.13 -28.32
CA ARG F 73 -7.20 8.05 -28.93
C ARG F 73 -6.56 7.47 -30.18
N GLN F 74 -6.11 6.22 -30.11
CA GLN F 74 -5.40 5.58 -31.21
C GLN F 74 -6.27 5.41 -32.45
N HIS F 75 -7.52 5.02 -32.25
CA HIS F 75 -8.42 4.74 -33.36
C HIS F 75 -9.22 5.96 -33.79
N GLY F 76 -9.29 6.95 -32.92
CA GLY F 76 -9.88 8.22 -33.28
C GLY F 76 -8.98 8.94 -34.28
N GLN F 77 -7.68 8.86 -34.03
CA GLN F 77 -6.69 9.53 -34.88
C GLN F 77 -6.45 8.74 -36.17
N SER F 78 -6.82 7.47 -36.16
CA SER F 78 -6.65 6.62 -37.33
C SER F 78 -7.86 6.70 -38.24
N GLY F 79 -8.97 7.18 -37.70
CA GLY F 79 -10.21 7.27 -38.44
C GLY F 79 -11.03 5.99 -38.44
N LEU F 80 -10.67 5.05 -37.58
CA LEU F 80 -11.37 3.78 -37.49
C LEU F 80 -12.76 3.97 -36.88
N ILE F 81 -12.83 4.73 -35.79
CA ILE F 81 -14.08 4.94 -35.07
C ILE F 81 -15.15 5.56 -35.98
N GLU F 82 -14.74 6.51 -36.81
CA GLU F 82 -15.67 7.15 -37.74
C GLU F 82 -16.22 6.12 -38.72
N ARG F 83 -15.34 5.27 -39.24
CA ARG F 83 -15.74 4.20 -40.14
C ARG F 83 -16.64 3.19 -39.46
N VAL F 84 -16.43 2.98 -38.16
CA VAL F 84 -17.23 2.03 -37.40
C VAL F 84 -18.65 2.56 -37.20
N ARG F 85 -18.77 3.84 -36.88
CA ARG F 85 -20.07 4.45 -36.64
C ARG F 85 -20.98 4.41 -37.88
N ARG F 86 -20.41 4.74 -39.04
CA ARG F 86 -21.21 4.83 -40.26
C ARG F 86 -21.31 3.47 -40.96
N SER F 87 -20.61 2.47 -40.42
CA SER F 87 -20.67 1.12 -40.98
C SER F 87 -22.01 0.46 -40.70
N LYS F 88 -22.40 -0.47 -41.57
CA LYS F 88 -23.64 -1.21 -41.39
C LYS F 88 -23.34 -2.72 -41.36
N LEU F 89 -22.06 -3.06 -41.40
CA LEU F 89 -21.64 -4.46 -41.41
C LEU F 89 -21.66 -5.05 -40.01
N THR F 90 -22.26 -6.23 -39.88
CA THR F 90 -22.19 -6.99 -38.64
C THR F 90 -20.90 -7.80 -38.64
N ALA F 91 -20.67 -8.57 -37.58
CA ALA F 91 -19.50 -9.44 -37.53
C ALA F 91 -19.66 -10.55 -38.56
N ARG F 92 -20.87 -11.08 -38.67
CA ARG F 92 -21.17 -12.14 -39.62
C ARG F 92 -20.97 -11.68 -41.06
N ASP F 93 -21.36 -10.44 -41.35
CA ASP F 93 -21.17 -9.87 -42.68
C ASP F 93 -19.70 -9.82 -43.07
N ALA F 94 -18.86 -9.35 -42.15
CA ALA F 94 -17.44 -9.23 -42.40
C ALA F 94 -16.81 -10.61 -42.58
N GLU F 95 -17.29 -11.56 -41.77
CA GLU F 95 -16.84 -12.94 -41.84
C GLU F 95 -17.09 -13.54 -43.22
N LEU F 96 -18.32 -13.38 -43.71
CA LEU F 96 -18.72 -13.94 -45.01
C LEU F 96 -17.95 -13.33 -46.18
N GLN F 97 -17.75 -12.01 -46.14
CA GLN F 97 -16.98 -11.33 -47.19
C GLN F 97 -15.54 -11.83 -47.22
N THR F 98 -14.94 -11.96 -46.04
CA THR F 98 -13.57 -12.47 -45.95
C THR F 98 -13.49 -13.90 -46.48
N LEU F 99 -14.38 -14.75 -46.01
CA LEU F 99 -14.47 -16.14 -46.47
C LEU F 99 -14.63 -16.23 -47.98
N GLU F 100 -15.50 -15.39 -48.54
CA GLU F 100 -15.72 -15.35 -49.98
C GLU F 100 -14.41 -15.04 -50.70
N PHE F 101 -13.64 -14.10 -50.16
CA PHE F 101 -12.35 -13.73 -50.74
C PHE F 101 -11.32 -14.85 -50.62
N LEU F 102 -11.19 -15.42 -49.42
CA LEU F 102 -10.17 -16.44 -49.16
C LEU F 102 -10.32 -17.65 -50.08
N LYS F 103 -11.56 -18.10 -50.28
CA LYS F 103 -11.84 -19.33 -51.04
C LYS F 103 -11.36 -19.26 -52.49
N LYS F 104 -11.12 -18.04 -52.99
CA LYS F 104 -10.63 -17.89 -54.36
C LYS F 104 -9.11 -18.08 -54.44
N TRP F 105 -8.42 -17.97 -53.30
CA TRP F 105 -6.96 -17.99 -53.29
C TRP F 105 -6.34 -19.17 -52.54
N VAL F 106 -7.00 -19.64 -51.48
CA VAL F 106 -6.42 -20.69 -50.65
C VAL F 106 -7.47 -21.75 -50.34
N ASN F 107 -7.08 -23.02 -50.42
CA ASN F 107 -7.96 -24.10 -49.99
C ASN F 107 -8.10 -24.07 -48.47
N PRO F 108 -9.24 -24.59 -47.95
CA PRO F 108 -9.44 -24.62 -46.49
C PRO F 108 -8.42 -25.47 -45.74
N LYS F 109 -8.02 -24.99 -44.56
CA LYS F 109 -7.12 -25.71 -43.65
C LYS F 109 -5.72 -25.98 -44.22
N VAL F 110 -5.32 -25.17 -45.19
CA VAL F 110 -4.00 -25.28 -45.80
C VAL F 110 -3.01 -24.35 -45.10
N SER F 111 -3.47 -23.15 -44.77
CA SER F 111 -2.60 -22.11 -44.24
C SER F 111 -2.70 -21.97 -42.71
N PRO F 112 -1.55 -21.85 -42.05
CA PRO F 112 -1.55 -21.40 -40.66
C PRO F 112 -2.04 -19.97 -40.57
N MET F 113 -2.45 -19.54 -39.39
CA MET F 113 -2.83 -18.15 -39.21
C MET F 113 -1.57 -17.32 -39.08
N CYS F 114 -1.35 -16.41 -40.03
CA CYS F 114 -0.10 -15.67 -40.12
C CYS F 114 -0.26 -14.20 -39.73
N GLY F 115 0.71 -13.69 -38.99
CA GLY F 115 0.75 -12.29 -38.63
C GLY F 115 1.54 -12.06 -37.36
N ASN F 116 1.18 -11.00 -36.64
CA ASN F 116 1.80 -10.69 -35.35
C ASN F 116 0.77 -10.88 -34.24
N SER F 117 1.23 -11.30 -33.07
CA SER F 117 0.35 -11.55 -31.92
C SER F 117 -0.87 -12.34 -32.34
N ILE F 118 -0.62 -13.48 -32.97
CA ILE F 118 -1.65 -14.25 -33.65
C ILE F 118 -2.60 -14.92 -32.67
N CYS F 119 -2.08 -15.32 -31.51
CA CYS F 119 -2.89 -15.98 -30.50
C CYS F 119 -4.09 -15.11 -30.07
N GLN F 120 -3.86 -13.81 -29.89
CA GLN F 120 -4.94 -12.90 -29.51
C GLN F 120 -6.01 -12.85 -30.60
N ASP F 121 -5.57 -12.70 -31.85
CA ASP F 121 -6.45 -12.65 -33.00
C ASP F 121 -7.29 -13.93 -33.13
N ARG F 122 -6.64 -15.08 -33.02
CA ARG F 122 -7.32 -16.36 -33.11
C ARG F 122 -8.41 -16.49 -32.05
N ARG F 123 -8.13 -16.02 -30.84
CA ARG F 123 -9.09 -16.13 -29.73
C ARG F 123 -10.32 -15.27 -30.02
N PHE F 124 -10.13 -14.06 -30.52
CA PHE F 124 -11.26 -13.21 -30.90
C PHE F 124 -12.02 -13.83 -32.07
N LEU F 125 -11.30 -14.41 -33.02
CA LEU F 125 -11.93 -15.09 -34.15
C LEU F 125 -12.76 -16.28 -33.68
N HIS F 126 -12.19 -17.04 -32.75
CA HIS F 126 -12.88 -18.24 -32.26
C HIS F 126 -14.25 -17.91 -31.66
N ARG F 127 -14.32 -16.79 -30.95
CA ARG F 127 -15.54 -16.41 -30.24
C ARG F 127 -16.52 -15.65 -31.13
N LEU F 128 -16.02 -14.88 -32.10
CA LEU F 128 -16.88 -13.99 -32.86
C LEU F 128 -17.03 -14.36 -34.36
N MET F 129 -16.06 -15.08 -34.90
CA MET F 129 -16.13 -15.55 -36.29
C MET F 129 -15.59 -16.98 -36.41
N PRO F 130 -16.29 -17.95 -35.79
CA PRO F 130 -15.75 -19.31 -35.73
C PRO F 130 -15.64 -20.01 -37.10
N GLU F 131 -16.49 -19.64 -38.06
CA GLU F 131 -16.39 -20.27 -39.37
C GLU F 131 -15.12 -19.82 -40.09
N LEU F 132 -14.78 -18.54 -39.96
CA LEU F 132 -13.54 -18.04 -40.54
C LEU F 132 -12.33 -18.62 -39.80
N GLU F 133 -12.44 -18.78 -38.48
CA GLU F 133 -11.36 -19.33 -37.68
C GLU F 133 -11.00 -20.74 -38.13
N GLN F 134 -12.02 -21.49 -38.54
CA GLN F 134 -11.85 -22.89 -38.92
C GLN F 134 -11.38 -23.08 -40.36
N TYR F 135 -11.31 -21.99 -41.11
CA TYR F 135 -10.79 -22.05 -42.47
C TYR F 135 -9.27 -22.16 -42.43
N PHE F 136 -8.68 -21.68 -41.33
CA PHE F 136 -7.25 -21.79 -41.11
C PHE F 136 -6.86 -23.19 -40.66
N HIS F 137 -5.62 -23.58 -40.94
CA HIS F 137 -5.02 -24.72 -40.26
C HIS F 137 -4.93 -24.34 -38.78
N TYR F 138 -4.91 -25.33 -37.90
CA TYR F 138 -4.94 -25.03 -36.48
C TYR F 138 -3.61 -24.43 -35.99
N ARG F 139 -2.56 -24.52 -36.80
CA ARG F 139 -1.26 -23.97 -36.43
C ARG F 139 -1.16 -22.47 -36.72
N ASN F 140 -0.24 -21.83 -36.02
CA ASN F 140 0.01 -20.39 -36.14
C ASN F 140 1.39 -20.10 -36.71
N LEU F 141 1.52 -18.99 -37.41
CA LEU F 141 2.82 -18.47 -37.81
C LEU F 141 2.92 -17.05 -37.27
N ASP F 142 3.50 -16.92 -36.09
CA ASP F 142 3.55 -15.64 -35.38
C ASP F 142 4.93 -15.01 -35.48
N VAL F 143 5.03 -13.92 -36.24
CA VAL F 143 6.30 -13.25 -36.48
C VAL F 143 6.91 -12.76 -35.16
N SER F 144 6.07 -12.49 -34.17
CA SER F 144 6.54 -12.01 -32.87
C SER F 144 7.41 -13.07 -32.18
N THR F 145 7.21 -14.34 -32.51
CA THR F 145 8.11 -15.38 -32.00
C THR F 145 9.53 -15.16 -32.53
N VAL F 146 9.66 -14.85 -33.82
CA VAL F 146 10.98 -14.62 -34.41
C VAL F 146 11.62 -13.39 -33.78
N LYS F 147 10.80 -12.39 -33.46
CA LYS F 147 11.28 -11.16 -32.85
C LYS F 147 11.87 -11.42 -31.46
N GLU F 148 11.20 -12.27 -30.67
CA GLU F 148 11.70 -12.67 -29.36
C GLU F 148 13.07 -13.34 -29.47
N LEU F 149 13.24 -14.16 -30.50
CA LEU F 149 14.51 -14.83 -30.72
C LEU F 149 15.58 -13.84 -31.17
N SER F 150 15.20 -12.94 -32.06
CA SER F 150 16.12 -11.96 -32.62
C SER F 150 16.66 -10.99 -31.57
N LYS F 151 15.80 -10.54 -30.67
CA LYS F 151 16.20 -9.63 -29.60
C LYS F 151 17.32 -10.23 -28.75
N ARG F 152 17.25 -11.54 -28.55
CA ARG F 152 18.19 -12.23 -27.67
C ARG F 152 19.46 -12.68 -28.40
N TRP F 153 19.32 -13.11 -29.65
CA TRP F 153 20.45 -13.70 -30.38
C TRP F 153 21.09 -12.72 -31.35
N ARG F 154 20.32 -11.77 -31.89
CA ARG F 154 20.86 -10.78 -32.82
C ARG F 154 20.39 -9.36 -32.52
N PRO F 155 20.75 -8.83 -31.33
CA PRO F 155 20.27 -7.51 -30.89
C PRO F 155 20.63 -6.37 -31.85
N GLU F 156 21.74 -6.50 -32.55
CA GLU F 156 22.28 -5.42 -33.37
C GLU F 156 21.40 -5.12 -34.60
N ILE F 157 20.67 -6.12 -35.09
CA ILE F 157 19.86 -5.94 -36.30
C ILE F 157 18.51 -5.36 -35.96
N MET F 158 18.21 -5.24 -34.67
CA MET F 158 16.91 -4.76 -34.21
C MET F 158 16.62 -3.32 -34.60
N SER F 159 17.65 -2.47 -34.58
CA SER F 159 17.49 -1.06 -34.91
C SER F 159 17.08 -0.85 -36.37
N GLY F 160 17.31 -1.85 -37.20
CA GLY F 160 16.97 -1.77 -38.61
C GLY F 160 15.49 -1.93 -38.88
N LEU F 161 14.74 -2.35 -37.86
CA LEU F 161 13.29 -2.53 -38.00
C LEU F 161 12.55 -1.21 -37.95
N LYS F 162 11.84 -0.90 -39.03
CA LYS F 162 11.06 0.34 -39.13
C LYS F 162 10.00 0.40 -38.04
N LYS F 163 10.31 1.10 -36.96
CA LYS F 163 9.39 1.25 -35.83
C LYS F 163 8.20 2.12 -36.20
N ASN F 164 8.29 2.82 -37.32
CA ASN F 164 7.19 3.61 -37.84
C ASN F 164 6.00 2.70 -38.13
N ALA F 165 4.95 2.83 -37.32
CA ALA F 165 3.78 1.99 -37.45
C ALA F 165 2.48 2.80 -37.42
N SER F 166 1.41 2.18 -37.86
CA SER F 166 0.07 2.75 -37.76
C SER F 166 -0.72 1.97 -36.72
N HIS F 167 -2.05 2.00 -36.84
CA HIS F 167 -2.89 1.24 -35.94
C HIS F 167 -3.98 0.51 -36.73
N LEU F 168 -4.01 0.74 -38.04
CA LEU F 168 -5.00 0.12 -38.91
C LEU F 168 -4.63 -1.33 -39.23
N ALA F 169 -5.65 -2.17 -39.40
CA ALA F 169 -5.43 -3.61 -39.55
C ALA F 169 -4.59 -3.96 -40.78
N MET F 170 -4.93 -3.39 -41.93
CA MET F 170 -4.24 -3.71 -43.17
C MET F 170 -2.76 -3.34 -43.09
N ASP F 171 -2.47 -2.20 -42.49
CA ASP F 171 -1.08 -1.73 -42.34
C ASP F 171 -0.30 -2.63 -41.38
N ASP F 172 -0.99 -3.17 -40.38
CA ASP F 172 -0.37 -4.06 -39.42
C ASP F 172 0.13 -5.33 -40.12
N ILE F 173 -0.70 -5.87 -41.02
CA ILE F 173 -0.32 -7.04 -41.79
C ILE F 173 0.89 -6.75 -42.67
N ARG F 174 0.85 -5.63 -43.39
CA ARG F 174 1.96 -5.25 -44.27
C ARG F 174 3.24 -5.09 -43.46
N ASP F 175 3.13 -4.51 -42.27
CA ASP F 175 4.28 -4.37 -41.37
C ASP F 175 4.85 -5.72 -40.96
N SER F 176 3.97 -6.66 -40.61
CA SER F 176 4.44 -7.97 -40.13
C SER F 176 5.07 -8.79 -41.28
N ILE F 177 4.56 -8.62 -42.49
CA ILE F 177 5.15 -9.23 -43.67
C ILE F 177 6.52 -8.63 -43.96
N SER F 178 6.62 -7.30 -43.90
CA SER F 178 7.91 -6.62 -44.10
C SER F 178 8.90 -7.02 -43.02
N GLU F 179 8.42 -7.17 -41.79
CA GLU F 179 9.27 -7.56 -40.67
C GLU F 179 9.86 -8.95 -40.89
N LEU F 180 9.04 -9.87 -41.37
CA LEU F 180 9.51 -11.24 -41.64
C LEU F 180 10.50 -11.25 -42.79
N LYS F 181 10.27 -10.40 -43.79
CA LYS F 181 11.21 -10.25 -44.90
C LYS F 181 12.56 -9.76 -44.39
N TYR F 182 12.51 -8.91 -43.37
CA TYR F 182 13.73 -8.39 -42.76
C TYR F 182 14.48 -9.51 -42.03
N TYR F 183 13.73 -10.35 -41.31
CA TYR F 183 14.34 -11.50 -40.63
C TYR F 183 14.87 -12.51 -41.64
N ARG F 184 14.17 -12.68 -42.75
CA ARG F 184 14.61 -13.61 -43.78
C ARG F 184 15.95 -13.17 -44.36
N GLU F 185 16.14 -11.86 -44.46
CA GLU F 185 17.34 -11.30 -45.05
C GLU F 185 18.54 -11.35 -44.10
N TYR F 186 18.31 -11.11 -42.82
CA TYR F 186 19.43 -10.94 -41.88
C TYR F 186 19.53 -12.00 -40.77
N PHE F 187 18.49 -12.82 -40.60
CA PHE F 187 18.43 -13.73 -39.46
C PHE F 187 18.37 -15.21 -39.86
N PHE F 188 17.80 -15.51 -41.02
CA PHE F 188 17.64 -16.90 -41.45
C PHE F 188 18.65 -17.35 -42.50
N ILE F 189 19.12 -18.59 -42.37
CA ILE F 189 19.96 -19.21 -43.38
C ILE F 189 19.09 -19.79 -44.49
N MET F 190 19.12 -19.16 -45.66
CA MET F 190 18.27 -19.56 -46.77
C MET F 190 19.01 -20.46 -47.76
N ASN F 191 20.25 -20.80 -47.44
CA ASN F 191 21.08 -21.62 -48.33
C ASN F 191 20.53 -23.04 -48.45
CA CA G . -14.60 3.30 12.30
CA CA H . -15.03 4.25 8.23
CA CA I . -34.26 3.34 5.38
C1 EDO J . -20.16 0.42 -9.47
O1 EDO J . -21.15 1.32 -8.95
C2 EDO J . -18.93 1.21 -9.89
O2 EDO J . -19.19 1.90 -11.11
CA CA K . -3.77 8.63 -12.94
CA CA L . -5.84 9.98 -9.80
CA CA M . 20.03 9.37 28.34
CA CA N . 23.68 11.04 27.35
CA CA O . -3.58 14.16 29.90
CA CA P . -0.06 12.99 31.72
CA CA Q . -3.77 10.28 50.78
CA CA R . 2.24 -27.10 -25.71
CA CA S . 0.57 -30.52 -24.40
C1 EDO T . 1.35 -26.25 -42.83
O1 EDO T . 0.81 -25.07 -43.43
C2 EDO T . 0.36 -26.78 -41.82
O2 EDO T . 0.99 -27.81 -41.04
CA CA U . -2.37 -9.22 -35.01
CA CA V . -4.26 -5.64 -34.60
C1 EDO W . 10.77 -10.55 -23.11
O1 EDO W . 11.13 -9.55 -22.15
C2 EDO W . 9.46 -10.14 -23.79
O2 EDO W . 9.68 -8.95 -24.56
#